data_2NO2
# 
_entry.id   2NO2 
# 
_audit_conform.dict_name       mmcif_pdbx.dic 
_audit_conform.dict_version    5.383 
_audit_conform.dict_location   http://mmcif.pdb.org/dictionaries/ascii/mmcif_pdbx.dic 
# 
loop_
_database_2.database_id 
_database_2.database_code 
_database_2.pdbx_database_accession 
_database_2.pdbx_DOI 
PDB   2NO2         pdb_00002no2 10.2210/pdb2no2/pdb 
RCSB  RCSB040097   ?            ?                   
WWPDB D_1000040097 ?            ?                   
# 
loop_
_pdbx_audit_revision_history.ordinal 
_pdbx_audit_revision_history.data_content_type 
_pdbx_audit_revision_history.major_revision 
_pdbx_audit_revision_history.minor_revision 
_pdbx_audit_revision_history.revision_date 
1 'Structure model' 1 0 2007-10-30 
2 'Structure model' 1 1 2011-07-13 
3 'Structure model' 1 2 2023-12-27 
# 
_pdbx_audit_revision_details.ordinal             1 
_pdbx_audit_revision_details.revision_ordinal    1 
_pdbx_audit_revision_details.data_content_type   'Structure model' 
_pdbx_audit_revision_details.provider            repository 
_pdbx_audit_revision_details.type                'Initial release' 
_pdbx_audit_revision_details.description         ? 
_pdbx_audit_revision_details.details             ? 
# 
loop_
_pdbx_audit_revision_group.ordinal 
_pdbx_audit_revision_group.revision_ordinal 
_pdbx_audit_revision_group.data_content_type 
_pdbx_audit_revision_group.group 
1 2 'Structure model' 'Version format compliance' 
2 3 'Structure model' 'Data collection'           
3 3 'Structure model' 'Database references'       
# 
loop_
_pdbx_audit_revision_category.ordinal 
_pdbx_audit_revision_category.revision_ordinal 
_pdbx_audit_revision_category.data_content_type 
_pdbx_audit_revision_category.category 
1 3 'Structure model' chem_comp_atom     
2 3 'Structure model' chem_comp_bond     
3 3 'Structure model' database_2         
4 3 'Structure model' struct_ref_seq_dif 
# 
loop_
_pdbx_audit_revision_item.ordinal 
_pdbx_audit_revision_item.revision_ordinal 
_pdbx_audit_revision_item.data_content_type 
_pdbx_audit_revision_item.item 
1 3 'Structure model' '_database_2.pdbx_DOI'                
2 3 'Structure model' '_database_2.pdbx_database_accession' 
3 3 'Structure model' '_struct_ref_seq_dif.details'         
# 
_pdbx_database_status.entry_id                        2NO2 
_pdbx_database_status.status_code                     REL 
_pdbx_database_status.status_code_sf                  REL 
_pdbx_database_status.deposit_site                    RCSB 
_pdbx_database_status.process_site                    RCSB 
_pdbx_database_status.recvd_initial_deposition_date   2006-10-24 
_pdbx_database_status.SG_entry                        N 
_pdbx_database_status.status_code_mr                  ? 
_pdbx_database_status.pdb_format_compatible           Y 
_pdbx_database_status.status_code_cs                  ? 
_pdbx_database_status.status_code_nmr_data            ? 
_pdbx_database_status.methods_development_category    ? 
# 
loop_
_audit_author.name 
_audit_author.pdbx_ordinal 
'Ybe, J.A.'  1 
'Mishra, S.' 2 
'Helms, S.'  3 
'Nix, J.'    4 
# 
_citation.id                        primary 
_citation.title                     
;Crystal structure at 2.8 A of the DLLRKN-containing coiled-coil domain of huntingtin-interacting protein 1 (HIP1) reveals a surface suitable for clathrin light chain binding
;
_citation.journal_abbrev            J.Mol.Biol. 
_citation.journal_volume            367 
_citation.page_first                8 
_citation.page_last                 15 
_citation.year                      2007 
_citation.journal_id_ASTM           JMOBAK 
_citation.country                   UK 
_citation.journal_id_ISSN           0022-2836 
_citation.journal_id_CSD            0070 
_citation.book_publisher            ? 
_citation.pdbx_database_id_PubMed   17257618 
_citation.pdbx_database_id_DOI      10.1016/j.jmb.2006.12.052 
# 
loop_
_citation_author.citation_id 
_citation_author.name 
_citation_author.ordinal 
_citation_author.identifier_ORCID 
primary 'Ybe, J.A.'  1 ? 
primary 'Mishra, S.' 2 ? 
primary 'Helms, S.'  3 ? 
primary 'Nix, J.'    4 ? 
# 
loop_
_entity.id 
_entity.type 
_entity.src_method 
_entity.pdbx_description 
_entity.formula_weight 
_entity.pdbx_number_of_molecules 
_entity.pdbx_ec 
_entity.pdbx_mutation 
_entity.pdbx_fragment 
_entity.details 
1 polymer man 'Huntingtin-interacting protein 1' 12035.186 1  ? ? 'residues 480-586' ? 
2 water   nat water                              18.015    14 ? ? ?                  ? 
# 
_entity_name_com.entity_id   1 
_entity_name_com.name        HIP-I 
# 
_entity_poly.entity_id                      1 
_entity_poly.type                           'polypeptide(L)' 
_entity_poly.nstd_linkage                   no 
_entity_poly.nstd_monomer                   no 
_entity_poly.pdbx_seq_one_letter_code       
;GSHADLLRKNAEVTKQVSMARQAQVDLEREKKELEDSLERISDQGQRKTQEQLEVLESLKQELATSQRELQVLQGSLETS
AQSEANWAAEFAELEKERDSLVSGAAH
;
_entity_poly.pdbx_seq_one_letter_code_can   
;GSHADLLRKNAEVTKQVSMARQAQVDLEREKKELEDSLERISDQGQRKTQEQLEVLESLKQELATSQRELQVLQGSLETS
AQSEANWAAEFAELEKERDSLVSGAAH
;
_entity_poly.pdbx_strand_id                 A 
_entity_poly.pdbx_target_identifier         ? 
# 
_pdbx_entity_nonpoly.entity_id   2 
_pdbx_entity_nonpoly.name        water 
_pdbx_entity_nonpoly.comp_id     HOH 
# 
loop_
_entity_poly_seq.entity_id 
_entity_poly_seq.num 
_entity_poly_seq.mon_id 
_entity_poly_seq.hetero 
1 1   GLY n 
1 2   SER n 
1 3   HIS n 
1 4   ALA n 
1 5   ASP n 
1 6   LEU n 
1 7   LEU n 
1 8   ARG n 
1 9   LYS n 
1 10  ASN n 
1 11  ALA n 
1 12  GLU n 
1 13  VAL n 
1 14  THR n 
1 15  LYS n 
1 16  GLN n 
1 17  VAL n 
1 18  SER n 
1 19  MET n 
1 20  ALA n 
1 21  ARG n 
1 22  GLN n 
1 23  ALA n 
1 24  GLN n 
1 25  VAL n 
1 26  ASP n 
1 27  LEU n 
1 28  GLU n 
1 29  ARG n 
1 30  GLU n 
1 31  LYS n 
1 32  LYS n 
1 33  GLU n 
1 34  LEU n 
1 35  GLU n 
1 36  ASP n 
1 37  SER n 
1 38  LEU n 
1 39  GLU n 
1 40  ARG n 
1 41  ILE n 
1 42  SER n 
1 43  ASP n 
1 44  GLN n 
1 45  GLY n 
1 46  GLN n 
1 47  ARG n 
1 48  LYS n 
1 49  THR n 
1 50  GLN n 
1 51  GLU n 
1 52  GLN n 
1 53  LEU n 
1 54  GLU n 
1 55  VAL n 
1 56  LEU n 
1 57  GLU n 
1 58  SER n 
1 59  LEU n 
1 60  LYS n 
1 61  GLN n 
1 62  GLU n 
1 63  LEU n 
1 64  ALA n 
1 65  THR n 
1 66  SER n 
1 67  GLN n 
1 68  ARG n 
1 69  GLU n 
1 70  LEU n 
1 71  GLN n 
1 72  VAL n 
1 73  LEU n 
1 74  GLN n 
1 75  GLY n 
1 76  SER n 
1 77  LEU n 
1 78  GLU n 
1 79  THR n 
1 80  SER n 
1 81  ALA n 
1 82  GLN n 
1 83  SER n 
1 84  GLU n 
1 85  ALA n 
1 86  ASN n 
1 87  TRP n 
1 88  ALA n 
1 89  ALA n 
1 90  GLU n 
1 91  PHE n 
1 92  ALA n 
1 93  GLU n 
1 94  LEU n 
1 95  GLU n 
1 96  LYS n 
1 97  GLU n 
1 98  ARG n 
1 99  ASP n 
1 100 SER n 
1 101 LEU n 
1 102 VAL n 
1 103 SER n 
1 104 GLY n 
1 105 ALA n 
1 106 ALA n 
1 107 HIS n 
# 
_entity_src_gen.entity_id                          1 
_entity_src_gen.pdbx_src_id                        1 
_entity_src_gen.pdbx_alt_source_flag               sample 
_entity_src_gen.pdbx_seq_type                      ? 
_entity_src_gen.pdbx_beg_seq_num                   ? 
_entity_src_gen.pdbx_end_seq_num                   ? 
_entity_src_gen.gene_src_common_name               human 
_entity_src_gen.gene_src_genus                     Homo 
_entity_src_gen.pdbx_gene_src_gene                 HIP1 
_entity_src_gen.gene_src_species                   ? 
_entity_src_gen.gene_src_strain                    ? 
_entity_src_gen.gene_src_tissue                    ? 
_entity_src_gen.gene_src_tissue_fraction           ? 
_entity_src_gen.gene_src_details                   ? 
_entity_src_gen.pdbx_gene_src_fragment             ? 
_entity_src_gen.pdbx_gene_src_scientific_name      'Homo sapiens' 
_entity_src_gen.pdbx_gene_src_ncbi_taxonomy_id     9606 
_entity_src_gen.pdbx_gene_src_variant              ? 
_entity_src_gen.pdbx_gene_src_cell_line            ? 
_entity_src_gen.pdbx_gene_src_atcc                 ? 
_entity_src_gen.pdbx_gene_src_organ                ? 
_entity_src_gen.pdbx_gene_src_organelle            ? 
_entity_src_gen.pdbx_gene_src_cell                 ? 
_entity_src_gen.pdbx_gene_src_cellular_location    ? 
_entity_src_gen.host_org_common_name               ? 
_entity_src_gen.pdbx_host_org_scientific_name      'Escherichia coli' 
_entity_src_gen.pdbx_host_org_ncbi_taxonomy_id     562 
_entity_src_gen.host_org_genus                     Escherichia 
_entity_src_gen.pdbx_host_org_gene                 ? 
_entity_src_gen.pdbx_host_org_organ                ? 
_entity_src_gen.host_org_species                   ? 
_entity_src_gen.pdbx_host_org_tissue               ? 
_entity_src_gen.pdbx_host_org_tissue_fraction      ? 
_entity_src_gen.pdbx_host_org_strain               'Rosetta 2 (DE3) pLysS' 
_entity_src_gen.pdbx_host_org_variant              ? 
_entity_src_gen.pdbx_host_org_cell_line            ? 
_entity_src_gen.pdbx_host_org_atcc                 ? 
_entity_src_gen.pdbx_host_org_culture_collection   ? 
_entity_src_gen.pdbx_host_org_cell                 ? 
_entity_src_gen.pdbx_host_org_organelle            ? 
_entity_src_gen.pdbx_host_org_cellular_location    ? 
_entity_src_gen.pdbx_host_org_vector_type          plasmid 
_entity_src_gen.pdbx_host_org_vector               ? 
_entity_src_gen.host_org_details                   ? 
_entity_src_gen.expression_system_id               ? 
_entity_src_gen.plasmid_name                       pGST-HIP1_482586 
_entity_src_gen.plasmid_details                    ? 
_entity_src_gen.pdbx_description                   ? 
# 
loop_
_chem_comp.id 
_chem_comp.type 
_chem_comp.mon_nstd_flag 
_chem_comp.name 
_chem_comp.pdbx_synonyms 
_chem_comp.formula 
_chem_comp.formula_weight 
ALA 'L-peptide linking' y ALANINE         ? 'C3 H7 N O2'     89.093  
ARG 'L-peptide linking' y ARGININE        ? 'C6 H15 N4 O2 1' 175.209 
ASN 'L-peptide linking' y ASPARAGINE      ? 'C4 H8 N2 O3'    132.118 
ASP 'L-peptide linking' y 'ASPARTIC ACID' ? 'C4 H7 N O4'     133.103 
GLN 'L-peptide linking' y GLUTAMINE       ? 'C5 H10 N2 O3'   146.144 
GLU 'L-peptide linking' y 'GLUTAMIC ACID' ? 'C5 H9 N O4'     147.129 
GLY 'peptide linking'   y GLYCINE         ? 'C2 H5 N O2'     75.067  
HIS 'L-peptide linking' y HISTIDINE       ? 'C6 H10 N3 O2 1' 156.162 
HOH non-polymer         . WATER           ? 'H2 O'           18.015  
ILE 'L-peptide linking' y ISOLEUCINE      ? 'C6 H13 N O2'    131.173 
LEU 'L-peptide linking' y LEUCINE         ? 'C6 H13 N O2'    131.173 
LYS 'L-peptide linking' y LYSINE          ? 'C6 H15 N2 O2 1' 147.195 
MET 'L-peptide linking' y METHIONINE      ? 'C5 H11 N O2 S'  149.211 
PHE 'L-peptide linking' y PHENYLALANINE   ? 'C9 H11 N O2'    165.189 
SER 'L-peptide linking' y SERINE          ? 'C3 H7 N O3'     105.093 
THR 'L-peptide linking' y THREONINE       ? 'C4 H9 N O3'     119.119 
TRP 'L-peptide linking' y TRYPTOPHAN      ? 'C11 H12 N2 O2'  204.225 
VAL 'L-peptide linking' y VALINE          ? 'C5 H11 N O2'    117.146 
# 
loop_
_pdbx_poly_seq_scheme.asym_id 
_pdbx_poly_seq_scheme.entity_id 
_pdbx_poly_seq_scheme.seq_id 
_pdbx_poly_seq_scheme.mon_id 
_pdbx_poly_seq_scheme.ndb_seq_num 
_pdbx_poly_seq_scheme.pdb_seq_num 
_pdbx_poly_seq_scheme.auth_seq_num 
_pdbx_poly_seq_scheme.pdb_mon_id 
_pdbx_poly_seq_scheme.auth_mon_id 
_pdbx_poly_seq_scheme.pdb_strand_id 
_pdbx_poly_seq_scheme.pdb_ins_code 
_pdbx_poly_seq_scheme.hetero 
A 1 1   GLY 1   480 480 GLY GLY A . n 
A 1 2   SER 2   481 481 SER SER A . n 
A 1 3   HIS 3   482 482 HIS HIS A . n 
A 1 4   ALA 4   483 483 ALA ALA A . n 
A 1 5   ASP 5   484 484 ASP ASP A . n 
A 1 6   LEU 6   485 485 LEU LEU A . n 
A 1 7   LEU 7   486 486 LEU LEU A . n 
A 1 8   ARG 8   487 487 ARG ARG A . n 
A 1 9   LYS 9   488 488 LYS LYS A . n 
A 1 10  ASN 10  489 489 ASN ASN A . n 
A 1 11  ALA 11  490 490 ALA ALA A . n 
A 1 12  GLU 12  491 491 GLU GLU A . n 
A 1 13  VAL 13  492 492 VAL VAL A . n 
A 1 14  THR 14  493 493 THR THR A . n 
A 1 15  LYS 15  494 494 LYS LYS A . n 
A 1 16  GLN 16  495 495 GLN GLN A . n 
A 1 17  VAL 17  496 496 VAL VAL A . n 
A 1 18  SER 18  497 497 SER SER A . n 
A 1 19  MET 19  498 498 MET MET A . n 
A 1 20  ALA 20  499 499 ALA ALA A . n 
A 1 21  ARG 21  500 500 ARG ARG A . n 
A 1 22  GLN 22  501 501 GLN GLN A . n 
A 1 23  ALA 23  502 502 ALA ALA A . n 
A 1 24  GLN 24  503 503 GLN GLN A . n 
A 1 25  VAL 25  504 504 VAL VAL A . n 
A 1 26  ASP 26  505 505 ASP ASP A . n 
A 1 27  LEU 27  506 506 LEU LEU A . n 
A 1 28  GLU 28  507 507 GLU GLU A . n 
A 1 29  ARG 29  508 508 ARG ARG A . n 
A 1 30  GLU 30  509 509 GLU GLU A . n 
A 1 31  LYS 31  510 510 LYS LYS A . n 
A 1 32  LYS 32  511 511 LYS LYS A . n 
A 1 33  GLU 33  512 512 GLU GLU A . n 
A 1 34  LEU 34  513 513 LEU LEU A . n 
A 1 35  GLU 35  514 514 GLU GLU A . n 
A 1 36  ASP 36  515 515 ASP ASP A . n 
A 1 37  SER 37  516 516 SER SER A . n 
A 1 38  LEU 38  517 517 LEU LEU A . n 
A 1 39  GLU 39  518 518 GLU GLU A . n 
A 1 40  ARG 40  519 519 ARG ARG A . n 
A 1 41  ILE 41  520 520 ILE ILE A . n 
A 1 42  SER 42  521 521 SER SER A . n 
A 1 43  ASP 43  522 522 ASP ASP A . n 
A 1 44  GLN 44  523 523 GLN GLN A . n 
A 1 45  GLY 45  524 524 GLY GLY A . n 
A 1 46  GLN 46  525 525 GLN GLN A . n 
A 1 47  ARG 47  526 526 ARG ARG A . n 
A 1 48  LYS 48  527 527 LYS LYS A . n 
A 1 49  THR 49  528 528 THR THR A . n 
A 1 50  GLN 50  529 529 GLN GLN A . n 
A 1 51  GLU 51  530 530 GLU GLU A . n 
A 1 52  GLN 52  531 531 GLN GLN A . n 
A 1 53  LEU 53  532 532 LEU LEU A . n 
A 1 54  GLU 54  533 533 GLU GLU A . n 
A 1 55  VAL 55  534 534 VAL VAL A . n 
A 1 56  LEU 56  535 535 LEU LEU A . n 
A 1 57  GLU 57  536 536 GLU GLU A . n 
A 1 58  SER 58  537 537 SER SER A . n 
A 1 59  LEU 59  538 538 LEU LEU A . n 
A 1 60  LYS 60  539 539 LYS LYS A . n 
A 1 61  GLN 61  540 540 GLN GLN A . n 
A 1 62  GLU 62  541 541 GLU GLU A . n 
A 1 63  LEU 63  542 542 LEU LEU A . n 
A 1 64  ALA 64  543 543 ALA ALA A . n 
A 1 65  THR 65  544 544 THR THR A . n 
A 1 66  SER 66  545 545 SER SER A . n 
A 1 67  GLN 67  546 546 GLN GLN A . n 
A 1 68  ARG 68  547 547 ARG ARG A . n 
A 1 69  GLU 69  548 548 GLU GLU A . n 
A 1 70  LEU 70  549 549 LEU LEU A . n 
A 1 71  GLN 71  550 550 GLN GLN A . n 
A 1 72  VAL 72  551 551 VAL VAL A . n 
A 1 73  LEU 73  552 552 LEU LEU A . n 
A 1 74  GLN 74  553 553 GLN GLN A . n 
A 1 75  GLY 75  554 554 GLY GLY A . n 
A 1 76  SER 76  555 555 SER SER A . n 
A 1 77  LEU 77  556 556 LEU LEU A . n 
A 1 78  GLU 78  557 557 GLU GLU A . n 
A 1 79  THR 79  558 558 THR THR A . n 
A 1 80  SER 80  559 559 SER SER A . n 
A 1 81  ALA 81  560 560 ALA ALA A . n 
A 1 82  GLN 82  561 561 GLN GLN A . n 
A 1 83  SER 83  562 562 SER SER A . n 
A 1 84  GLU 84  563 563 GLU GLU A . n 
A 1 85  ALA 85  564 564 ALA ALA A . n 
A 1 86  ASN 86  565 565 ASN ASN A . n 
A 1 87  TRP 87  566 566 TRP TRP A . n 
A 1 88  ALA 88  567 567 ALA ALA A . n 
A 1 89  ALA 89  568 568 ALA ALA A . n 
A 1 90  GLU 90  569 569 GLU GLU A . n 
A 1 91  PHE 91  570 570 PHE PHE A . n 
A 1 92  ALA 92  571 571 ALA ALA A . n 
A 1 93  GLU 93  572 572 GLU GLU A . n 
A 1 94  LEU 94  573 573 LEU LEU A . n 
A 1 95  GLU 95  574 574 GLU GLU A . n 
A 1 96  LYS 96  575 575 LYS LYS A . n 
A 1 97  GLU 97  576 576 GLU GLU A . n 
A 1 98  ARG 98  577 577 ARG ARG A . n 
A 1 99  ASP 99  578 578 ASP ASP A . n 
A 1 100 SER 100 579 579 SER SER A . n 
A 1 101 LEU 101 580 580 LEU LEU A . n 
A 1 102 VAL 102 581 581 VAL VAL A . n 
A 1 103 SER 103 582 ?   ?   ?   A . n 
A 1 104 GLY 104 583 ?   ?   ?   A . n 
A 1 105 ALA 105 584 ?   ?   ?   A . n 
A 1 106 ALA 106 585 ?   ?   ?   A . n 
A 1 107 HIS 107 586 ?   ?   ?   A . n 
# 
loop_
_pdbx_nonpoly_scheme.asym_id 
_pdbx_nonpoly_scheme.entity_id 
_pdbx_nonpoly_scheme.mon_id 
_pdbx_nonpoly_scheme.ndb_seq_num 
_pdbx_nonpoly_scheme.pdb_seq_num 
_pdbx_nonpoly_scheme.auth_seq_num 
_pdbx_nonpoly_scheme.pdb_mon_id 
_pdbx_nonpoly_scheme.auth_mon_id 
_pdbx_nonpoly_scheme.pdb_strand_id 
_pdbx_nonpoly_scheme.pdb_ins_code 
B 2 HOH 1  587 1  HOH HOH A . 
B 2 HOH 2  588 2  HOH HOH A . 
B 2 HOH 3  589 3  HOH HOH A . 
B 2 HOH 4  590 4  HOH HOH A . 
B 2 HOH 5  591 5  HOH HOH A . 
B 2 HOH 6  592 6  HOH HOH A . 
B 2 HOH 7  593 7  HOH HOH A . 
B 2 HOH 8  594 8  HOH HOH A . 
B 2 HOH 9  595 9  HOH HOH A . 
B 2 HOH 10 596 10 HOH HOH A . 
B 2 HOH 11 597 11 HOH HOH A . 
B 2 HOH 12 598 12 HOH HOH A . 
B 2 HOH 13 599 13 HOH HOH A . 
B 2 HOH 14 600 14 HOH HOH A . 
# 
loop_
_software.name 
_software.version 
_software.date 
_software.type 
_software.contact_author 
_software.contact_author_email 
_software.classification 
_software.location 
_software.language 
_software.citation_id 
_software.pdbx_ordinal 
d*TREK       9.4LDz 'Apr 24 2005'    package 'Pflugrath, J.W.'   jwp@RigakuMSC.com        'data scaling'    
http://www.msc.com/protein/dtrek.html ?          ? 1 
SOLVE        2.09   25-Apr-2005      package 'Tom Terwilliger'   terwilliger@LANL.gov     phasing           
http://www.solve.lanl.gov/            ?          ? 2 
RESOLVE      2.09   25-Apr-2005      package 'Terwilliger, T. C' terwilliger@LANL.gov     phasing           
http://www.solve.lanl.gov/            ?          ? 3 
CNS          .      ?                package 'Axel T. Brunger'   axel.brunger@yale.edu    refinement        
http://cns.csb.yale.edu/v1.1/         Fortran_77 ? 4 
PDB_EXTRACT  2.000  'April. 3, 2006' package PDB                 sw-help@rcsb.rutgers.edu 'data extraction' 
http://pdb.rutgers.edu/software/      C++        ? 5 
CrystalClear .      ?                ?       ?                   ?                        'data collection' ? ?          ? 6 
d*TREK       .      ?                ?       ?                   ?                        'data reduction'  ? ?          ? 7 
# 
_cell.entry_id           2NO2 
_cell.length_a           54.200 
_cell.length_b           54.200 
_cell.length_c           152.200 
_cell.angle_alpha        90.00 
_cell.angle_beta         90.00 
_cell.angle_gamma        90.00 
_cell.Z_PDB              8 
_cell.pdbx_unique_axis   ? 
_cell.length_a_esd       ? 
_cell.length_b_esd       ? 
_cell.length_c_esd       ? 
_cell.angle_alpha_esd    ? 
_cell.angle_beta_esd     ? 
_cell.angle_gamma_esd    ? 
# 
_symmetry.entry_id                         2NO2 
_symmetry.space_group_name_H-M             'P 42 21 2' 
_symmetry.pdbx_full_space_group_name_H-M   ? 
_symmetry.cell_setting                     ? 
_symmetry.Int_Tables_number                94 
_symmetry.space_group_name_Hall            ? 
# 
_exptl.crystals_number   1 
_exptl.entry_id          2NO2 
_exptl.method            'X-RAY DIFFRACTION' 
# 
_exptl_crystal.id                    1 
_exptl_crystal.density_meas          ? 
_exptl_crystal.density_Matthews      4.64 
_exptl_crystal.density_percent_sol   73.51 
_exptl_crystal.description           ? 
_exptl_crystal.F_000                 ? 
_exptl_crystal.preparation           ? 
# 
_exptl_crystal_grow.crystal_id      1 
_exptl_crystal_grow.method          'VAPOR DIFFUSION, HANGING DROP' 
_exptl_crystal_grow.pH              6.5 
_exptl_crystal_grow.temp            293 
_exptl_crystal_grow.pdbx_details    
'25% (v/v) PEG 3350, 0.2 M Li2SO4, 0.1 M Bis-Tris, pH 6.5, VAPOR DIFFUSION, HANGING DROP, temperature 293K' 
_exptl_crystal_grow.temp_details    ? 
_exptl_crystal_grow.pdbx_pH_range   . 
# 
loop_
_diffrn.id 
_diffrn.ambient_temp 
_diffrn.ambient_temp_details 
_diffrn.crystal_id 
1 100 ? 1 
2 ?   ? 1 
3 ?   ? 1 
# 
_diffrn_detector.diffrn_id              1 
_diffrn_detector.detector               CCD 
_diffrn_detector.type                   NOIR-1 
_diffrn_detector.pdbx_collection_date   2005-10-22 
_diffrn_detector.details                ? 
# 
_diffrn_radiation.diffrn_id                        1 
_diffrn_radiation.wavelength_id                    1 
_diffrn_radiation.pdbx_diffrn_protocol             MAD 
_diffrn_radiation.monochromator                    'Double crystal' 
_diffrn_radiation.pdbx_monochromatic_or_laue_m_l   M 
_diffrn_radiation.pdbx_scattering_type             x-ray 
# 
loop_
_diffrn_radiation_wavelength.id 
_diffrn_radiation_wavelength.wavelength 
_diffrn_radiation_wavelength.wt 
1 0.97878 1.0 
2 0.97863 1.0 
3 0.96409 1.0 
# 
_diffrn_source.diffrn_id                   1 
_diffrn_source.source                      SYNCHROTRON 
_diffrn_source.type                        'ALS BEAMLINE 4.2.2' 
_diffrn_source.pdbx_wavelength             ? 
_diffrn_source.pdbx_wavelength_list        '0.97878, 0.97863, 0.96409' 
_diffrn_source.pdbx_synchrotron_site       ALS 
_diffrn_source.pdbx_synchrotron_beamline   4.2.2 
# 
_reflns.entry_id                     2NO2 
_reflns.d_resolution_high            2.600 
_reflns.d_resolution_low             43.510 
_reflns.number_obs                   7284 
_reflns.pdbx_scaling_rejects         738 
_reflns.pdbx_Rmerge_I_obs            0.088 
_reflns.pdbx_netI_over_sigmaI        12.900 
_reflns.pdbx_chi_squared             0.940 
_reflns.pdbx_redundancy              13.400 
_reflns.percent_possible_obs         100.000 
_reflns.observed_criterion_sigma_F   ? 
_reflns.observed_criterion_sigma_I   5.0 
_reflns.number_all                   10622 
_reflns.pdbx_Rsym_value              ? 
_reflns.B_iso_Wilson_estimate        ? 
_reflns.R_free_details               ? 
_reflns.limit_h_max                  ? 
_reflns.limit_h_min                  ? 
_reflns.limit_k_max                  ? 
_reflns.limit_k_min                  ? 
_reflns.limit_l_max                  ? 
_reflns.limit_l_min                  ? 
_reflns.observed_criterion_F_max     ? 
_reflns.observed_criterion_F_min     ? 
_reflns.pdbx_diffrn_id               1 
_reflns.pdbx_ordinal                 1 
# 
_reflns_shell.d_res_high             2.60 
_reflns_shell.d_res_low              2.69 
_reflns_shell.number_measured_obs    ? 
_reflns_shell.number_measured_all    9435 
_reflns_shell.number_unique_obs      ? 
_reflns_shell.Rmerge_I_obs           0.4 
_reflns_shell.meanI_over_sigI_obs    4.8 
_reflns_shell.pdbx_Rsym_value        ? 
_reflns_shell.pdbx_chi_squared       1.060 
_reflns_shell.pdbx_redundancy        13.11 
_reflns_shell.percent_possible_obs   ? 
_reflns_shell.number_unique_all      712 
_reflns_shell.percent_possible_all   100.00 
_reflns_shell.pdbx_diffrn_id         ? 
_reflns_shell.pdbx_ordinal           1 
# 
_refine.entry_id                                 2NO2 
_refine.ls_d_res_high                            2.800 
_refine.ls_d_res_low                             30.000 
_refine.pdbx_ls_sigma_F                          0.00 
_refine.ls_percent_reflns_obs                    99.400 
_refine.ls_number_reflns_obs                     10622 
_refine.ls_R_factor_R_work                       0.286 
_refine.ls_R_factor_R_free                       0.313 
_refine.ls_percent_reflns_R_free                 9.900 
_refine.ls_number_reflns_R_free                  1062 
_refine.B_iso_mean                               77.739 
_refine.solvent_model_param_bsol                 101.840 
_refine.aniso_B[1][1]                            -30.976 
_refine.aniso_B[2][2]                            -30.976 
_refine.aniso_B[3][3]                            61.952 
_refine.aniso_B[1][2]                            0.000 
_refine.aniso_B[1][3]                            0.000 
_refine.aniso_B[2][3]                            0.000 
_refine.pdbx_method_to_determine_struct          MAD 
_refine.overall_FOM_work_R_set                   0.696 
_refine.pdbx_ls_sigma_I                          ? 
_refine.ls_number_reflns_all                     10622 
_refine.ls_R_factor_all                          0.403 
_refine.ls_R_factor_obs                          0.429 
_refine.ls_redundancy_reflns_obs                 ? 
_refine.pdbx_data_cutoff_high_absF               ? 
_refine.pdbx_data_cutoff_low_absF                ? 
_refine.ls_number_parameters                     ? 
_refine.ls_number_restraints                     ? 
_refine.ls_R_factor_R_free_error                 ? 
_refine.ls_R_factor_R_free_error_details         ? 
_refine.pdbx_starting_model                      ? 
_refine.pdbx_ls_cross_valid_method               THROUGHOUT 
_refine.pdbx_R_Free_selection_details            random 
_refine.pdbx_stereochem_target_val_spec_case     ? 
_refine.pdbx_stereochemistry_target_values       'Engh & Huber' 
_refine.solvent_model_details                    ? 
_refine.solvent_model_param_ksol                 ? 
_refine.occupancy_max                            ? 
_refine.occupancy_min                            ? 
_refine.pdbx_isotropic_thermal_model             ? 
_refine.details                                  ? 
_refine.overall_SU_B                             ? 
_refine.overall_SU_ML                            ? 
_refine.pdbx_overall_ESU_R                       ? 
_refine.pdbx_overall_ESU_R_Free                  ? 
_refine.pdbx_data_cutoff_high_rms_absF           ? 
_refine.B_iso_min                                ? 
_refine.B_iso_max                                ? 
_refine.correlation_coeff_Fo_to_Fc               ? 
_refine.correlation_coeff_Fo_to_Fc_free          ? 
_refine.pdbx_solvent_vdw_probe_radii             ? 
_refine.pdbx_solvent_ion_probe_radii             ? 
_refine.pdbx_solvent_shrinkage_radii             ? 
_refine.overall_SU_R_Cruickshank_DPI             ? 
_refine.overall_SU_R_free                        ? 
_refine.ls_wR_factor_R_free                      ? 
_refine.ls_wR_factor_R_work                      ? 
_refine.overall_FOM_free_R_set                   ? 
_refine.pdbx_refine_id                           'X-RAY DIFFRACTION' 
_refine.pdbx_diffrn_id                           1 
_refine.pdbx_TLS_residual_ADP_flag               ? 
_refine.pdbx_overall_phase_error                 ? 
_refine.pdbx_overall_SU_R_free_Cruickshank_DPI   ? 
_refine.pdbx_overall_SU_R_Blow_DPI               ? 
_refine.pdbx_overall_SU_R_free_Blow_DPI          ? 
# 
_refine_analyze.entry_id                        2NO2 
_refine_analyze.Luzzati_coordinate_error_obs    0.53 
_refine_analyze.Luzzati_sigma_a_obs             0.64 
_refine_analyze.Luzzati_d_res_low_obs           5.0 
_refine_analyze.Luzzati_coordinate_error_free   0.60 
_refine_analyze.Luzzati_sigma_a_free            0.76 
_refine_analyze.Luzzati_d_res_low_free          ? 
_refine_analyze.number_disordered_residues      ? 
_refine_analyze.occupancy_sum_non_hydrogen      ? 
_refine_analyze.occupancy_sum_hydrogen          ? 
_refine_analyze.pdbx_Luzzati_d_res_high_obs     ? 
_refine_analyze.pdbx_refine_id                  'X-RAY DIFFRACTION' 
# 
_refine_hist.pdbx_refine_id                   'X-RAY DIFFRACTION' 
_refine_hist.cycle_id                         LAST 
_refine_hist.pdbx_number_atoms_protein        812 
_refine_hist.pdbx_number_atoms_nucleic_acid   0 
_refine_hist.pdbx_number_atoms_ligand         0 
_refine_hist.number_atoms_solvent             14 
_refine_hist.number_atoms_total               826 
_refine_hist.d_res_high                       2.800 
_refine_hist.d_res_low                        30.000 
# 
loop_
_refine_ls_restr.type 
_refine_ls_restr.number 
_refine_ls_restr.dev_ideal 
_refine_ls_restr.dev_ideal_target 
_refine_ls_restr.weight 
_refine_ls_restr.pdbx_refine_id 
_refine_ls_restr.pdbx_restraint_function 
c_bond_d  ? 0.008 ? ? 'X-RAY DIFFRACTION' ? 
c_angle_d ? 0.942 ? ? 'X-RAY DIFFRACTION' ? 
# 
loop_
_refine_ls_shell.d_res_high 
_refine_ls_shell.d_res_low 
_refine_ls_shell.pdbx_total_number_of_bins_used 
_refine_ls_shell.percent_reflns_obs 
_refine_ls_shell.number_reflns_R_work 
_refine_ls_shell.R_factor_all 
_refine_ls_shell.R_factor_R_work 
_refine_ls_shell.R_factor_R_free 
_refine_ls_shell.percent_reflns_R_free 
_refine_ls_shell.number_reflns_R_free 
_refine_ls_shell.R_factor_R_free_error 
_refine_ls_shell.number_reflns_all 
_refine_ls_shell.number_reflns_obs 
_refine_ls_shell.redundancy_reflns_obs 
_refine_ls_shell.pdbx_refine_id 
2.800 2.850  21 . 474 . 0.415 0.431 . 55 . . 529 . 'X-RAY DIFFRACTION' 
2.850 2.890  21 . 431 . 0.387 0.482 . 52 . . 483 . 'X-RAY DIFFRACTION' 
2.890 2.950  21 . 476 . 0.384 0.387 . 38 . . 514 . 'X-RAY DIFFRACTION' 
2.950 3.000  21 . 444 . 0.402 0.419 . 59 . . 503 . 'X-RAY DIFFRACTION' 
3.000 3.070  21 . 452 . 0.386 0.351 . 45 . . 497 . 'X-RAY DIFFRACTION' 
3.070 3.130  21 . 439 . 0.384 0.525 . 49 . . 488 . 'X-RAY DIFFRACTION' 
3.130 3.200  21 . 448 . 0.426 0.394 . 72 . . 520 . 'X-RAY DIFFRACTION' 
3.200 3.280  21 . 446 . 0.359 0.428 . 47 . . 493 . 'X-RAY DIFFRACTION' 
3.280 3.370  21 . 464 . 0.357 0.451 . 47 . . 511 . 'X-RAY DIFFRACTION' 
3.370 3.470  21 . 458 . 0.357 0.319 . 46 . . 504 . 'X-RAY DIFFRACTION' 
3.470 3.580  21 . 456 . 0.326 0.386 . 52 . . 508 . 'X-RAY DIFFRACTION' 
3.580 3.710  21 . 440 . 0.29  0.318 . 47 . . 487 . 'X-RAY DIFFRACTION' 
3.710 3.860  21 . 484 . 0.271 0.286 . 47 . . 531 . 'X-RAY DIFFRACTION' 
3.860 4.040  21 . 460 . 0.263 0.359 . 43 . . 503 . 'X-RAY DIFFRACTION' 
4.040 4.250  21 . 459 . 0.255 0.244 . 51 . . 510 . 'X-RAY DIFFRACTION' 
4.250 4.510  21 . 450 . 0.24  0.196 . 64 . . 514 . 'X-RAY DIFFRACTION' 
4.510 4.860  21 . 459 . 0.238 0.269 . 39 . . 498 . 'X-RAY DIFFRACTION' 
4.860 5.350  21 . 452 . 0.249 0.382 . 41 . . 493 . 'X-RAY DIFFRACTION' 
5.350 6.120  21 . 441 . 0.333 0.326 . 69 . . 510 . 'X-RAY DIFFRACTION' 
6.120 7.680  21 . 460 . 0.194 0.193 . 61 . . 521 . 'X-RAY DIFFRACTION' 
7.680 30.000 21 . 467 . 0.222 0.319 . 38 . . 505 . 'X-RAY DIFFRACTION' 
# 
loop_
_pdbx_xplor_file.serial_no 
_pdbx_xplor_file.param_file 
_pdbx_xplor_file.topol_file 
_pdbx_xplor_file.pdbx_refine_id 
1 CNS_TOPPAR:protein_rep.param ? 'X-RAY DIFFRACTION' 
2 CNS_TOPPAR:water_rep.param   ? 'X-RAY DIFFRACTION' 
# 
_struct.entry_id                  2NO2 
_struct.title                     
'Crystal structure of the DLLRKN-containing coiled-coil domain of Huntingtin-interacting protein 1' 
_struct.pdbx_model_details        ? 
_struct.pdbx_CASP_flag            N 
_struct.pdbx_model_type_details   ? 
# 
_struct_keywords.entry_id        2NO2 
_struct_keywords.pdbx_keywords   'CELL ADHESION' 
_struct_keywords.text            
'clathrin light chain binding; HIP1 coiled-coil domain; endocytosis; clathrin self-assembly, CELL ADHESION' 
# 
loop_
_struct_asym.id 
_struct_asym.pdbx_blank_PDB_chainid_flag 
_struct_asym.pdbx_modified 
_struct_asym.entity_id 
_struct_asym.details 
A N N 1 ? 
B N N 2 ? 
# 
_struct_ref.id                         1 
_struct_ref.entity_id                  1 
_struct_ref.db_name                    UNP 
_struct_ref.db_code                    HIP1_HUMAN 
_struct_ref.pdbx_db_accession          O00291 
_struct_ref.pdbx_align_begin           480 
_struct_ref.pdbx_seq_one_letter_code   
;HADLLRKNAEVTKQVSMARQAQVDLEREKKELEDSLERISDQGQRKTQEQLEVLESLKQELATSQRELQVLQGSLETSAQ
SEANWAAEFAELEKERDSLVSGAAH
;
_struct_ref.pdbx_db_isoform            ? 
# 
_struct_ref_seq.align_id                      1 
_struct_ref_seq.ref_id                        1 
_struct_ref_seq.pdbx_PDB_id_code              2NO2 
_struct_ref_seq.pdbx_strand_id                A 
_struct_ref_seq.seq_align_beg                 3 
_struct_ref_seq.pdbx_seq_align_beg_ins_code   ? 
_struct_ref_seq.seq_align_end                 107 
_struct_ref_seq.pdbx_seq_align_end_ins_code   ? 
_struct_ref_seq.pdbx_db_accession             O00291 
_struct_ref_seq.db_align_beg                  475 
_struct_ref_seq.pdbx_db_align_beg_ins_code    ? 
_struct_ref_seq.db_align_end                  579 
_struct_ref_seq.pdbx_db_align_end_ins_code    ? 
_struct_ref_seq.pdbx_auth_seq_align_beg       482 
_struct_ref_seq.pdbx_auth_seq_align_end       586 
# 
loop_
_struct_ref_seq_dif.align_id 
_struct_ref_seq_dif.pdbx_pdb_id_code 
_struct_ref_seq_dif.mon_id 
_struct_ref_seq_dif.pdbx_pdb_strand_id 
_struct_ref_seq_dif.seq_num 
_struct_ref_seq_dif.pdbx_pdb_ins_code 
_struct_ref_seq_dif.pdbx_seq_db_name 
_struct_ref_seq_dif.pdbx_seq_db_accession_code 
_struct_ref_seq_dif.db_mon_id 
_struct_ref_seq_dif.pdbx_seq_db_seq_num 
_struct_ref_seq_dif.details 
_struct_ref_seq_dif.pdbx_auth_seq_num 
_struct_ref_seq_dif.pdbx_ordinal 
1 2NO2 GLY A 1 ? UNP O00291 ? ? 'expression tag' 480 1 
1 2NO2 SER A 2 ? UNP O00291 ? ? 'expression tag' 481 2 
# 
_pdbx_struct_assembly.id                   1 
_pdbx_struct_assembly.details              author_and_software_defined_assembly 
_pdbx_struct_assembly.method_details       PISA 
_pdbx_struct_assembly.oligomeric_details   dimeric 
_pdbx_struct_assembly.oligomeric_count     2 
# 
_pdbx_struct_assembly_prop.biol_id   1 
_pdbx_struct_assembly_prop.type      'ABSA (A^2)' 
_pdbx_struct_assembly_prop.value     2580 
_pdbx_struct_assembly_prop.details   ? 
# 
_pdbx_struct_assembly_gen.assembly_id       1 
_pdbx_struct_assembly_gen.oper_expression   1,2 
_pdbx_struct_assembly_gen.asym_id_list      A,B 
# 
loop_
_pdbx_struct_oper_list.id 
_pdbx_struct_oper_list.type 
_pdbx_struct_oper_list.name 
_pdbx_struct_oper_list.symmetry_operation 
_pdbx_struct_oper_list.matrix[1][1] 
_pdbx_struct_oper_list.matrix[1][2] 
_pdbx_struct_oper_list.matrix[1][3] 
_pdbx_struct_oper_list.vector[1] 
_pdbx_struct_oper_list.matrix[2][1] 
_pdbx_struct_oper_list.matrix[2][2] 
_pdbx_struct_oper_list.matrix[2][3] 
_pdbx_struct_oper_list.vector[2] 
_pdbx_struct_oper_list.matrix[3][1] 
_pdbx_struct_oper_list.matrix[3][2] 
_pdbx_struct_oper_list.matrix[3][3] 
_pdbx_struct_oper_list.vector[3] 
1 'identity operation'         1_555 x,y,z     1.0000000000 0.0000000000 0.0000000000 0.0000000000  0.0000000000 1.0000000000  0.0000000000 0.0000000000  0.0000000000 0.0000000000 1.0000000000  0.0000000000 
2 'crystal symmetry operation' 2_565 -x,-y+1,z 0.3018824289 0.0994625324 0.9481425018 -2.6673202503 0.0994625324 -0.9924011607 0.0724371512 17.7128115173 0.9481425018 0.0724371512 -0.3094812682 1.8043450998 
# 
_struct_biol.id        1 
_struct_biol.details   'The second part of the dimer assembly is generated by two fold axis: -x, -y, z' 
# 
_struct_conf.conf_type_id            HELX_P 
_struct_conf.id                      HELX_P1 
_struct_conf.pdbx_PDB_helix_id       1 
_struct_conf.beg_label_comp_id       GLY 
_struct_conf.beg_label_asym_id       A 
_struct_conf.beg_label_seq_id        1 
_struct_conf.pdbx_beg_PDB_ins_code   ? 
_struct_conf.end_label_comp_id       VAL 
_struct_conf.end_label_asym_id       A 
_struct_conf.end_label_seq_id        102 
_struct_conf.pdbx_end_PDB_ins_code   ? 
_struct_conf.beg_auth_comp_id        GLY 
_struct_conf.beg_auth_asym_id        A 
_struct_conf.beg_auth_seq_id         480 
_struct_conf.end_auth_comp_id        VAL 
_struct_conf.end_auth_asym_id        A 
_struct_conf.end_auth_seq_id         581 
_struct_conf.pdbx_PDB_helix_class    1 
_struct_conf.details                 ? 
_struct_conf.pdbx_PDB_helix_length   102 
# 
_struct_conf_type.id          HELX_P 
_struct_conf_type.criteria    ? 
_struct_conf_type.reference   ? 
# 
loop_
_diffrn_reflns.diffrn_id 
_diffrn_reflns.pdbx_d_res_high 
_diffrn_reflns.pdbx_d_res_low 
_diffrn_reflns.pdbx_number_obs 
_diffrn_reflns.pdbx_Rmerge_I_obs 
_diffrn_reflns.pdbx_Rsym_value 
_diffrn_reflns.pdbx_chi_squared 
_diffrn_reflns.av_sigmaI_over_netI 
_diffrn_reflns.pdbx_redundancy 
_diffrn_reflns.pdbx_percent_possible_obs 
_diffrn_reflns.number 
_diffrn_reflns.pdbx_observed_criterion 
_diffrn_reflns.limit_h_max 
_diffrn_reflns.limit_h_min 
_diffrn_reflns.limit_k_max 
_diffrn_reflns.limit_k_min 
_diffrn_reflns.limit_l_max 
_diffrn_reflns.limit_l_min 
1 2.600 43.510 7284 0.088 ? 0.94 12.90 13.40 100.00 98341 ? ? ? ? ? ? ? 
2 2.600 43.510 7284 0.091 ? 0.96 12.30 13.40 100.00 98339 ? ? ? ? ? ? ? 
3 2.600 43.480 7268 0.133 ? 1.00 9.20  13.35 100.00 97725 ? ? ? ? ? ? ? 
# 
loop_
_pdbx_diffrn_reflns_shell.diffrn_id 
_pdbx_diffrn_reflns_shell.d_res_high 
_pdbx_diffrn_reflns_shell.d_res_low 
_pdbx_diffrn_reflns_shell.number_obs 
_pdbx_diffrn_reflns_shell.rejects 
_pdbx_diffrn_reflns_shell.Rmerge_I_obs 
_pdbx_diffrn_reflns_shell.Rsym_value 
_pdbx_diffrn_reflns_shell.chi_squared 
_pdbx_diffrn_reflns_shell.redundancy 
_pdbx_diffrn_reflns_shell.percent_possible_obs 
1 5.60 43.51 ? 50  0.046 ? 0.820 11.79 100.00 
1 4.44 5.60  ? 61  0.055 ? 0.900 13.15 100.00 
1 3.88 4.44  ? 80  0.078 ? 0.880 13.44 100.00 
1 3.53 3.88  ? 64  0.103 ? 0.870 13.55 100.00 
1 3.28 3.53  ? 77  0.165 ? 0.970 13.66 100.00 
1 3.08 3.28  ? 79  0.176 ? 1.000 13.74 100.00 
1 2.93 3.08  ? 68  0.169 ? 0.930 13.98 100.00 
1 2.80 2.93  ? 59  0.213 ? 0.940 13.91 100.00 
1 2.69 2.80  ? 98  0.349 ? 1.080 13.99 100.00 
1 2.60 2.69  ? 102 0.400 ? 1.060 13.11 100.00 
2 5.60 43.51 ? 48  0.046 ? 0.750 11.81 100.00 
2 4.44 5.60  ? 59  0.058 ? 0.900 13.16 100.00 
2 3.88 4.44  ? 69  0.080 ? 0.850 13.46 100.00 
2 3.53 3.88  ? 56  0.108 ? 0.870 13.55 100.00 
2 3.28 3.53  ? 62  0.171 ? 0.940 13.68 100.00 
2 3.08 3.28  ? 70  0.186 ? 1.010 13.76 100.00 
2 2.93 3.08  ? 61  0.183 ? 0.970 14.01 100.00 
2 2.80 2.93  ? 64  0.228 ? 0.950 13.91 100.00 
2 2.69 2.80  ? 118 0.359 ? 1.100 13.99 100.00 
2 2.60 2.69  ? 131 0.435 ? 1.270 12.97 100.00 
3 5.60 43.48 ? 69  0.056 ? 0.810 11.68 100.00 
3 4.45 5.60  ? 77  0.074 ? 0.900 13.01 100.00 
3 3.88 4.45  ? 66  0.108 ? 0.920 13.13 100.00 
3 3.53 3.88  ? 77  0.154 ? 1.030 13.22 100.00 
3 3.28 3.53  ? 94  0.272 ? 1.060 13.55 100.00 
3 3.08 3.28  ? 84  0.299 ? 1.040 13.72 100.00 
3 2.93 3.08  ? 69  0.303 ? 1.060 13.87 100.00 
3 2.80 2.93  ? 102 0.374 ? 0.990 13.80 100.00 
3 2.69 2.80  ? 47  0.569 ? 1.100 13.95 100.00 
3 2.60 2.69  ? 48  0.597 ? 1.080 13.88 100.00 
# 
_pdbx_phasing_MAD_set_site.id                 1 
_pdbx_phasing_MAD_set_site.atom_type_symbol   Se 
_pdbx_phasing_MAD_set_site.occupancy          0.489 
_pdbx_phasing_MAD_set_site.fract_x            0.331 
_pdbx_phasing_MAD_set_site.fract_y            0.141 
_pdbx_phasing_MAD_set_site.fract_z            0.017 
_pdbx_phasing_MAD_set_site.b_iso              60.000 
# 
loop_
_pdbx_phasing_MAD_shell.d_res_low 
_pdbx_phasing_MAD_shell.d_res_high 
_pdbx_phasing_MAD_shell.reflns 
_pdbx_phasing_MAD_shell.fom 
20.00 10.21 264 0.640 
10.21 6.79  375 0.650 
6.79  5.41  454 0.610 
5.41  4.63  500 0.530 
4.63  4.11  587 0.380 
4.11  3.73  626 0.360 
3.73  3.44  671 0.360 
3.44  3.21  711 0.260 
# 
_pdbx_phasing_dm.entry_id          2NO2 
_pdbx_phasing_dm.fom_acentric      0.570 
_pdbx_phasing_dm.fom_centric       0.640 
_pdbx_phasing_dm.fom               0.590 
_pdbx_phasing_dm.reflns_acentric   4263 
_pdbx_phasing_dm.reflns_centric    1441 
_pdbx_phasing_dm.reflns            5704 
# 
loop_
_pdbx_phasing_dm_shell.d_res_high 
_pdbx_phasing_dm_shell.d_res_low 
_pdbx_phasing_dm_shell.delta_phi_final 
_pdbx_phasing_dm_shell.delta_phi_initial 
_pdbx_phasing_dm_shell.fom_acentric 
_pdbx_phasing_dm_shell.fom_centric 
_pdbx_phasing_dm_shell.fom 
_pdbx_phasing_dm_shell.reflns_acentric 
_pdbx_phasing_dm_shell.reflns_centric 
_pdbx_phasing_dm_shell.reflns 
8.000 19.953 ? ? 0.940 0.810 0.870 128  149 277  
5.000 8.000  ? ? 0.860 0.800 0.840 526  280 806  
4.000 5.000  ? ? 0.810 0.780 0.800 700  259 959  
3.500 4.000  ? ? 0.730 0.700 0.730 734  215 949  
3.000 3.500  ? ? 0.440 0.470 0.440 1329 346 1675 
2.800 3.000  ? ? 0.220 0.330 0.240 846  192 1038 
# 
_phasing.method   MAD 
# 
_phasing_MAD.entry_id          2NO2 
_phasing_MAD.pdbx_d_res_high   3.12 
_phasing_MAD.pdbx_d_res_low    20.00 
_phasing_MAD.pdbx_reflns       4188 
_phasing_MAD.pdbx_fom          0.440 
# 
_phasing_MAD_clust.id           1 
_phasing_MAD_clust.expt_id      '3 wavelength' 
_phasing_MAD_clust.number_set   ? 
# 
_phasing_MAD_expt.id         '3 wavelength' 
_phasing_MAD_expt.mean_fom   ? 
# 
loop_
_phasing_MAD_set.clust_id 
_phasing_MAD_set.expt_id 
_phasing_MAD_set.set_id 
_phasing_MAD_set.wavelength 
_phasing_MAD_set.pdbx_f_prime_refined 
_phasing_MAD_set.pdbx_f_double_prime_refined 
1 '3 wavelength' 1 0.9788 -17.04 7.26  
1 '3 wavelength' 2 0.9786 -9.37  12.64 
1 '3 wavelength' 3 0.9641 -3.14  5.07  
# 
loop_
_phasing_set.id 
_phasing_set.pdbx_d_res_high 
_phasing_set.pdbx_d_res_low 
1 . . 
2 . . 
3 . . 
# 
loop_
_pdbx_unobs_or_zero_occ_residues.id 
_pdbx_unobs_or_zero_occ_residues.PDB_model_num 
_pdbx_unobs_or_zero_occ_residues.polymer_flag 
_pdbx_unobs_or_zero_occ_residues.occupancy_flag 
_pdbx_unobs_or_zero_occ_residues.auth_asym_id 
_pdbx_unobs_or_zero_occ_residues.auth_comp_id 
_pdbx_unobs_or_zero_occ_residues.auth_seq_id 
_pdbx_unobs_or_zero_occ_residues.PDB_ins_code 
_pdbx_unobs_or_zero_occ_residues.label_asym_id 
_pdbx_unobs_or_zero_occ_residues.label_comp_id 
_pdbx_unobs_or_zero_occ_residues.label_seq_id 
1 1 Y 1 A SER 582 ? A SER 103 
2 1 Y 1 A GLY 583 ? A GLY 104 
3 1 Y 1 A ALA 584 ? A ALA 105 
4 1 Y 1 A ALA 585 ? A ALA 106 
5 1 Y 1 A HIS 586 ? A HIS 107 
# 
loop_
_chem_comp_atom.comp_id 
_chem_comp_atom.atom_id 
_chem_comp_atom.type_symbol 
_chem_comp_atom.pdbx_aromatic_flag 
_chem_comp_atom.pdbx_stereo_config 
_chem_comp_atom.pdbx_ordinal 
ALA N    N N N 1   
ALA CA   C N S 2   
ALA C    C N N 3   
ALA O    O N N 4   
ALA CB   C N N 5   
ALA OXT  O N N 6   
ALA H    H N N 7   
ALA H2   H N N 8   
ALA HA   H N N 9   
ALA HB1  H N N 10  
ALA HB2  H N N 11  
ALA HB3  H N N 12  
ALA HXT  H N N 13  
ARG N    N N N 14  
ARG CA   C N S 15  
ARG C    C N N 16  
ARG O    O N N 17  
ARG CB   C N N 18  
ARG CG   C N N 19  
ARG CD   C N N 20  
ARG NE   N N N 21  
ARG CZ   C N N 22  
ARG NH1  N N N 23  
ARG NH2  N N N 24  
ARG OXT  O N N 25  
ARG H    H N N 26  
ARG H2   H N N 27  
ARG HA   H N N 28  
ARG HB2  H N N 29  
ARG HB3  H N N 30  
ARG HG2  H N N 31  
ARG HG3  H N N 32  
ARG HD2  H N N 33  
ARG HD3  H N N 34  
ARG HE   H N N 35  
ARG HH11 H N N 36  
ARG HH12 H N N 37  
ARG HH21 H N N 38  
ARG HH22 H N N 39  
ARG HXT  H N N 40  
ASN N    N N N 41  
ASN CA   C N S 42  
ASN C    C N N 43  
ASN O    O N N 44  
ASN CB   C N N 45  
ASN CG   C N N 46  
ASN OD1  O N N 47  
ASN ND2  N N N 48  
ASN OXT  O N N 49  
ASN H    H N N 50  
ASN H2   H N N 51  
ASN HA   H N N 52  
ASN HB2  H N N 53  
ASN HB3  H N N 54  
ASN HD21 H N N 55  
ASN HD22 H N N 56  
ASN HXT  H N N 57  
ASP N    N N N 58  
ASP CA   C N S 59  
ASP C    C N N 60  
ASP O    O N N 61  
ASP CB   C N N 62  
ASP CG   C N N 63  
ASP OD1  O N N 64  
ASP OD2  O N N 65  
ASP OXT  O N N 66  
ASP H    H N N 67  
ASP H2   H N N 68  
ASP HA   H N N 69  
ASP HB2  H N N 70  
ASP HB3  H N N 71  
ASP HD2  H N N 72  
ASP HXT  H N N 73  
GLN N    N N N 74  
GLN CA   C N S 75  
GLN C    C N N 76  
GLN O    O N N 77  
GLN CB   C N N 78  
GLN CG   C N N 79  
GLN CD   C N N 80  
GLN OE1  O N N 81  
GLN NE2  N N N 82  
GLN OXT  O N N 83  
GLN H    H N N 84  
GLN H2   H N N 85  
GLN HA   H N N 86  
GLN HB2  H N N 87  
GLN HB3  H N N 88  
GLN HG2  H N N 89  
GLN HG3  H N N 90  
GLN HE21 H N N 91  
GLN HE22 H N N 92  
GLN HXT  H N N 93  
GLU N    N N N 94  
GLU CA   C N S 95  
GLU C    C N N 96  
GLU O    O N N 97  
GLU CB   C N N 98  
GLU CG   C N N 99  
GLU CD   C N N 100 
GLU OE1  O N N 101 
GLU OE2  O N N 102 
GLU OXT  O N N 103 
GLU H    H N N 104 
GLU H2   H N N 105 
GLU HA   H N N 106 
GLU HB2  H N N 107 
GLU HB3  H N N 108 
GLU HG2  H N N 109 
GLU HG3  H N N 110 
GLU HE2  H N N 111 
GLU HXT  H N N 112 
GLY N    N N N 113 
GLY CA   C N N 114 
GLY C    C N N 115 
GLY O    O N N 116 
GLY OXT  O N N 117 
GLY H    H N N 118 
GLY H2   H N N 119 
GLY HA2  H N N 120 
GLY HA3  H N N 121 
GLY HXT  H N N 122 
HIS N    N N N 123 
HIS CA   C N S 124 
HIS C    C N N 125 
HIS O    O N N 126 
HIS CB   C N N 127 
HIS CG   C Y N 128 
HIS ND1  N Y N 129 
HIS CD2  C Y N 130 
HIS CE1  C Y N 131 
HIS NE2  N Y N 132 
HIS OXT  O N N 133 
HIS H    H N N 134 
HIS H2   H N N 135 
HIS HA   H N N 136 
HIS HB2  H N N 137 
HIS HB3  H N N 138 
HIS HD1  H N N 139 
HIS HD2  H N N 140 
HIS HE1  H N N 141 
HIS HE2  H N N 142 
HIS HXT  H N N 143 
HOH O    O N N 144 
HOH H1   H N N 145 
HOH H2   H N N 146 
ILE N    N N N 147 
ILE CA   C N S 148 
ILE C    C N N 149 
ILE O    O N N 150 
ILE CB   C N S 151 
ILE CG1  C N N 152 
ILE CG2  C N N 153 
ILE CD1  C N N 154 
ILE OXT  O N N 155 
ILE H    H N N 156 
ILE H2   H N N 157 
ILE HA   H N N 158 
ILE HB   H N N 159 
ILE HG12 H N N 160 
ILE HG13 H N N 161 
ILE HG21 H N N 162 
ILE HG22 H N N 163 
ILE HG23 H N N 164 
ILE HD11 H N N 165 
ILE HD12 H N N 166 
ILE HD13 H N N 167 
ILE HXT  H N N 168 
LEU N    N N N 169 
LEU CA   C N S 170 
LEU C    C N N 171 
LEU O    O N N 172 
LEU CB   C N N 173 
LEU CG   C N N 174 
LEU CD1  C N N 175 
LEU CD2  C N N 176 
LEU OXT  O N N 177 
LEU H    H N N 178 
LEU H2   H N N 179 
LEU HA   H N N 180 
LEU HB2  H N N 181 
LEU HB3  H N N 182 
LEU HG   H N N 183 
LEU HD11 H N N 184 
LEU HD12 H N N 185 
LEU HD13 H N N 186 
LEU HD21 H N N 187 
LEU HD22 H N N 188 
LEU HD23 H N N 189 
LEU HXT  H N N 190 
LYS N    N N N 191 
LYS CA   C N S 192 
LYS C    C N N 193 
LYS O    O N N 194 
LYS CB   C N N 195 
LYS CG   C N N 196 
LYS CD   C N N 197 
LYS CE   C N N 198 
LYS NZ   N N N 199 
LYS OXT  O N N 200 
LYS H    H N N 201 
LYS H2   H N N 202 
LYS HA   H N N 203 
LYS HB2  H N N 204 
LYS HB3  H N N 205 
LYS HG2  H N N 206 
LYS HG3  H N N 207 
LYS HD2  H N N 208 
LYS HD3  H N N 209 
LYS HE2  H N N 210 
LYS HE3  H N N 211 
LYS HZ1  H N N 212 
LYS HZ2  H N N 213 
LYS HZ3  H N N 214 
LYS HXT  H N N 215 
MET N    N N N 216 
MET CA   C N S 217 
MET C    C N N 218 
MET O    O N N 219 
MET CB   C N N 220 
MET CG   C N N 221 
MET SD   S N N 222 
MET CE   C N N 223 
MET OXT  O N N 224 
MET H    H N N 225 
MET H2   H N N 226 
MET HA   H N N 227 
MET HB2  H N N 228 
MET HB3  H N N 229 
MET HG2  H N N 230 
MET HG3  H N N 231 
MET HE1  H N N 232 
MET HE2  H N N 233 
MET HE3  H N N 234 
MET HXT  H N N 235 
PHE N    N N N 236 
PHE CA   C N S 237 
PHE C    C N N 238 
PHE O    O N N 239 
PHE CB   C N N 240 
PHE CG   C Y N 241 
PHE CD1  C Y N 242 
PHE CD2  C Y N 243 
PHE CE1  C Y N 244 
PHE CE2  C Y N 245 
PHE CZ   C Y N 246 
PHE OXT  O N N 247 
PHE H    H N N 248 
PHE H2   H N N 249 
PHE HA   H N N 250 
PHE HB2  H N N 251 
PHE HB3  H N N 252 
PHE HD1  H N N 253 
PHE HD2  H N N 254 
PHE HE1  H N N 255 
PHE HE2  H N N 256 
PHE HZ   H N N 257 
PHE HXT  H N N 258 
SER N    N N N 259 
SER CA   C N S 260 
SER C    C N N 261 
SER O    O N N 262 
SER CB   C N N 263 
SER OG   O N N 264 
SER OXT  O N N 265 
SER H    H N N 266 
SER H2   H N N 267 
SER HA   H N N 268 
SER HB2  H N N 269 
SER HB3  H N N 270 
SER HG   H N N 271 
SER HXT  H N N 272 
THR N    N N N 273 
THR CA   C N S 274 
THR C    C N N 275 
THR O    O N N 276 
THR CB   C N R 277 
THR OG1  O N N 278 
THR CG2  C N N 279 
THR OXT  O N N 280 
THR H    H N N 281 
THR H2   H N N 282 
THR HA   H N N 283 
THR HB   H N N 284 
THR HG1  H N N 285 
THR HG21 H N N 286 
THR HG22 H N N 287 
THR HG23 H N N 288 
THR HXT  H N N 289 
TRP N    N N N 290 
TRP CA   C N S 291 
TRP C    C N N 292 
TRP O    O N N 293 
TRP CB   C N N 294 
TRP CG   C Y N 295 
TRP CD1  C Y N 296 
TRP CD2  C Y N 297 
TRP NE1  N Y N 298 
TRP CE2  C Y N 299 
TRP CE3  C Y N 300 
TRP CZ2  C Y N 301 
TRP CZ3  C Y N 302 
TRP CH2  C Y N 303 
TRP OXT  O N N 304 
TRP H    H N N 305 
TRP H2   H N N 306 
TRP HA   H N N 307 
TRP HB2  H N N 308 
TRP HB3  H N N 309 
TRP HD1  H N N 310 
TRP HE1  H N N 311 
TRP HE3  H N N 312 
TRP HZ2  H N N 313 
TRP HZ3  H N N 314 
TRP HH2  H N N 315 
TRP HXT  H N N 316 
VAL N    N N N 317 
VAL CA   C N S 318 
VAL C    C N N 319 
VAL O    O N N 320 
VAL CB   C N N 321 
VAL CG1  C N N 322 
VAL CG2  C N N 323 
VAL OXT  O N N 324 
VAL H    H N N 325 
VAL H2   H N N 326 
VAL HA   H N N 327 
VAL HB   H N N 328 
VAL HG11 H N N 329 
VAL HG12 H N N 330 
VAL HG13 H N N 331 
VAL HG21 H N N 332 
VAL HG22 H N N 333 
VAL HG23 H N N 334 
VAL HXT  H N N 335 
# 
loop_
_chem_comp_bond.comp_id 
_chem_comp_bond.atom_id_1 
_chem_comp_bond.atom_id_2 
_chem_comp_bond.value_order 
_chem_comp_bond.pdbx_aromatic_flag 
_chem_comp_bond.pdbx_stereo_config 
_chem_comp_bond.pdbx_ordinal 
ALA N   CA   sing N N 1   
ALA N   H    sing N N 2   
ALA N   H2   sing N N 3   
ALA CA  C    sing N N 4   
ALA CA  CB   sing N N 5   
ALA CA  HA   sing N N 6   
ALA C   O    doub N N 7   
ALA C   OXT  sing N N 8   
ALA CB  HB1  sing N N 9   
ALA CB  HB2  sing N N 10  
ALA CB  HB3  sing N N 11  
ALA OXT HXT  sing N N 12  
ARG N   CA   sing N N 13  
ARG N   H    sing N N 14  
ARG N   H2   sing N N 15  
ARG CA  C    sing N N 16  
ARG CA  CB   sing N N 17  
ARG CA  HA   sing N N 18  
ARG C   O    doub N N 19  
ARG C   OXT  sing N N 20  
ARG CB  CG   sing N N 21  
ARG CB  HB2  sing N N 22  
ARG CB  HB3  sing N N 23  
ARG CG  CD   sing N N 24  
ARG CG  HG2  sing N N 25  
ARG CG  HG3  sing N N 26  
ARG CD  NE   sing N N 27  
ARG CD  HD2  sing N N 28  
ARG CD  HD3  sing N N 29  
ARG NE  CZ   sing N N 30  
ARG NE  HE   sing N N 31  
ARG CZ  NH1  sing N N 32  
ARG CZ  NH2  doub N N 33  
ARG NH1 HH11 sing N N 34  
ARG NH1 HH12 sing N N 35  
ARG NH2 HH21 sing N N 36  
ARG NH2 HH22 sing N N 37  
ARG OXT HXT  sing N N 38  
ASN N   CA   sing N N 39  
ASN N   H    sing N N 40  
ASN N   H2   sing N N 41  
ASN CA  C    sing N N 42  
ASN CA  CB   sing N N 43  
ASN CA  HA   sing N N 44  
ASN C   O    doub N N 45  
ASN C   OXT  sing N N 46  
ASN CB  CG   sing N N 47  
ASN CB  HB2  sing N N 48  
ASN CB  HB3  sing N N 49  
ASN CG  OD1  doub N N 50  
ASN CG  ND2  sing N N 51  
ASN ND2 HD21 sing N N 52  
ASN ND2 HD22 sing N N 53  
ASN OXT HXT  sing N N 54  
ASP N   CA   sing N N 55  
ASP N   H    sing N N 56  
ASP N   H2   sing N N 57  
ASP CA  C    sing N N 58  
ASP CA  CB   sing N N 59  
ASP CA  HA   sing N N 60  
ASP C   O    doub N N 61  
ASP C   OXT  sing N N 62  
ASP CB  CG   sing N N 63  
ASP CB  HB2  sing N N 64  
ASP CB  HB3  sing N N 65  
ASP CG  OD1  doub N N 66  
ASP CG  OD2  sing N N 67  
ASP OD2 HD2  sing N N 68  
ASP OXT HXT  sing N N 69  
GLN N   CA   sing N N 70  
GLN N   H    sing N N 71  
GLN N   H2   sing N N 72  
GLN CA  C    sing N N 73  
GLN CA  CB   sing N N 74  
GLN CA  HA   sing N N 75  
GLN C   O    doub N N 76  
GLN C   OXT  sing N N 77  
GLN CB  CG   sing N N 78  
GLN CB  HB2  sing N N 79  
GLN CB  HB3  sing N N 80  
GLN CG  CD   sing N N 81  
GLN CG  HG2  sing N N 82  
GLN CG  HG3  sing N N 83  
GLN CD  OE1  doub N N 84  
GLN CD  NE2  sing N N 85  
GLN NE2 HE21 sing N N 86  
GLN NE2 HE22 sing N N 87  
GLN OXT HXT  sing N N 88  
GLU N   CA   sing N N 89  
GLU N   H    sing N N 90  
GLU N   H2   sing N N 91  
GLU CA  C    sing N N 92  
GLU CA  CB   sing N N 93  
GLU CA  HA   sing N N 94  
GLU C   O    doub N N 95  
GLU C   OXT  sing N N 96  
GLU CB  CG   sing N N 97  
GLU CB  HB2  sing N N 98  
GLU CB  HB3  sing N N 99  
GLU CG  CD   sing N N 100 
GLU CG  HG2  sing N N 101 
GLU CG  HG3  sing N N 102 
GLU CD  OE1  doub N N 103 
GLU CD  OE2  sing N N 104 
GLU OE2 HE2  sing N N 105 
GLU OXT HXT  sing N N 106 
GLY N   CA   sing N N 107 
GLY N   H    sing N N 108 
GLY N   H2   sing N N 109 
GLY CA  C    sing N N 110 
GLY CA  HA2  sing N N 111 
GLY CA  HA3  sing N N 112 
GLY C   O    doub N N 113 
GLY C   OXT  sing N N 114 
GLY OXT HXT  sing N N 115 
HIS N   CA   sing N N 116 
HIS N   H    sing N N 117 
HIS N   H2   sing N N 118 
HIS CA  C    sing N N 119 
HIS CA  CB   sing N N 120 
HIS CA  HA   sing N N 121 
HIS C   O    doub N N 122 
HIS C   OXT  sing N N 123 
HIS CB  CG   sing N N 124 
HIS CB  HB2  sing N N 125 
HIS CB  HB3  sing N N 126 
HIS CG  ND1  sing Y N 127 
HIS CG  CD2  doub Y N 128 
HIS ND1 CE1  doub Y N 129 
HIS ND1 HD1  sing N N 130 
HIS CD2 NE2  sing Y N 131 
HIS CD2 HD2  sing N N 132 
HIS CE1 NE2  sing Y N 133 
HIS CE1 HE1  sing N N 134 
HIS NE2 HE2  sing N N 135 
HIS OXT HXT  sing N N 136 
HOH O   H1   sing N N 137 
HOH O   H2   sing N N 138 
ILE N   CA   sing N N 139 
ILE N   H    sing N N 140 
ILE N   H2   sing N N 141 
ILE CA  C    sing N N 142 
ILE CA  CB   sing N N 143 
ILE CA  HA   sing N N 144 
ILE C   O    doub N N 145 
ILE C   OXT  sing N N 146 
ILE CB  CG1  sing N N 147 
ILE CB  CG2  sing N N 148 
ILE CB  HB   sing N N 149 
ILE CG1 CD1  sing N N 150 
ILE CG1 HG12 sing N N 151 
ILE CG1 HG13 sing N N 152 
ILE CG2 HG21 sing N N 153 
ILE CG2 HG22 sing N N 154 
ILE CG2 HG23 sing N N 155 
ILE CD1 HD11 sing N N 156 
ILE CD1 HD12 sing N N 157 
ILE CD1 HD13 sing N N 158 
ILE OXT HXT  sing N N 159 
LEU N   CA   sing N N 160 
LEU N   H    sing N N 161 
LEU N   H2   sing N N 162 
LEU CA  C    sing N N 163 
LEU CA  CB   sing N N 164 
LEU CA  HA   sing N N 165 
LEU C   O    doub N N 166 
LEU C   OXT  sing N N 167 
LEU CB  CG   sing N N 168 
LEU CB  HB2  sing N N 169 
LEU CB  HB3  sing N N 170 
LEU CG  CD1  sing N N 171 
LEU CG  CD2  sing N N 172 
LEU CG  HG   sing N N 173 
LEU CD1 HD11 sing N N 174 
LEU CD1 HD12 sing N N 175 
LEU CD1 HD13 sing N N 176 
LEU CD2 HD21 sing N N 177 
LEU CD2 HD22 sing N N 178 
LEU CD2 HD23 sing N N 179 
LEU OXT HXT  sing N N 180 
LYS N   CA   sing N N 181 
LYS N   H    sing N N 182 
LYS N   H2   sing N N 183 
LYS CA  C    sing N N 184 
LYS CA  CB   sing N N 185 
LYS CA  HA   sing N N 186 
LYS C   O    doub N N 187 
LYS C   OXT  sing N N 188 
LYS CB  CG   sing N N 189 
LYS CB  HB2  sing N N 190 
LYS CB  HB3  sing N N 191 
LYS CG  CD   sing N N 192 
LYS CG  HG2  sing N N 193 
LYS CG  HG3  sing N N 194 
LYS CD  CE   sing N N 195 
LYS CD  HD2  sing N N 196 
LYS CD  HD3  sing N N 197 
LYS CE  NZ   sing N N 198 
LYS CE  HE2  sing N N 199 
LYS CE  HE3  sing N N 200 
LYS NZ  HZ1  sing N N 201 
LYS NZ  HZ2  sing N N 202 
LYS NZ  HZ3  sing N N 203 
LYS OXT HXT  sing N N 204 
MET N   CA   sing N N 205 
MET N   H    sing N N 206 
MET N   H2   sing N N 207 
MET CA  C    sing N N 208 
MET CA  CB   sing N N 209 
MET CA  HA   sing N N 210 
MET C   O    doub N N 211 
MET C   OXT  sing N N 212 
MET CB  CG   sing N N 213 
MET CB  HB2  sing N N 214 
MET CB  HB3  sing N N 215 
MET CG  SD   sing N N 216 
MET CG  HG2  sing N N 217 
MET CG  HG3  sing N N 218 
MET SD  CE   sing N N 219 
MET CE  HE1  sing N N 220 
MET CE  HE2  sing N N 221 
MET CE  HE3  sing N N 222 
MET OXT HXT  sing N N 223 
PHE N   CA   sing N N 224 
PHE N   H    sing N N 225 
PHE N   H2   sing N N 226 
PHE CA  C    sing N N 227 
PHE CA  CB   sing N N 228 
PHE CA  HA   sing N N 229 
PHE C   O    doub N N 230 
PHE C   OXT  sing N N 231 
PHE CB  CG   sing N N 232 
PHE CB  HB2  sing N N 233 
PHE CB  HB3  sing N N 234 
PHE CG  CD1  doub Y N 235 
PHE CG  CD2  sing Y N 236 
PHE CD1 CE1  sing Y N 237 
PHE CD1 HD1  sing N N 238 
PHE CD2 CE2  doub Y N 239 
PHE CD2 HD2  sing N N 240 
PHE CE1 CZ   doub Y N 241 
PHE CE1 HE1  sing N N 242 
PHE CE2 CZ   sing Y N 243 
PHE CE2 HE2  sing N N 244 
PHE CZ  HZ   sing N N 245 
PHE OXT HXT  sing N N 246 
SER N   CA   sing N N 247 
SER N   H    sing N N 248 
SER N   H2   sing N N 249 
SER CA  C    sing N N 250 
SER CA  CB   sing N N 251 
SER CA  HA   sing N N 252 
SER C   O    doub N N 253 
SER C   OXT  sing N N 254 
SER CB  OG   sing N N 255 
SER CB  HB2  sing N N 256 
SER CB  HB3  sing N N 257 
SER OG  HG   sing N N 258 
SER OXT HXT  sing N N 259 
THR N   CA   sing N N 260 
THR N   H    sing N N 261 
THR N   H2   sing N N 262 
THR CA  C    sing N N 263 
THR CA  CB   sing N N 264 
THR CA  HA   sing N N 265 
THR C   O    doub N N 266 
THR C   OXT  sing N N 267 
THR CB  OG1  sing N N 268 
THR CB  CG2  sing N N 269 
THR CB  HB   sing N N 270 
THR OG1 HG1  sing N N 271 
THR CG2 HG21 sing N N 272 
THR CG2 HG22 sing N N 273 
THR CG2 HG23 sing N N 274 
THR OXT HXT  sing N N 275 
TRP N   CA   sing N N 276 
TRP N   H    sing N N 277 
TRP N   H2   sing N N 278 
TRP CA  C    sing N N 279 
TRP CA  CB   sing N N 280 
TRP CA  HA   sing N N 281 
TRP C   O    doub N N 282 
TRP C   OXT  sing N N 283 
TRP CB  CG   sing N N 284 
TRP CB  HB2  sing N N 285 
TRP CB  HB3  sing N N 286 
TRP CG  CD1  doub Y N 287 
TRP CG  CD2  sing Y N 288 
TRP CD1 NE1  sing Y N 289 
TRP CD1 HD1  sing N N 290 
TRP CD2 CE2  doub Y N 291 
TRP CD2 CE3  sing Y N 292 
TRP NE1 CE2  sing Y N 293 
TRP NE1 HE1  sing N N 294 
TRP CE2 CZ2  sing Y N 295 
TRP CE3 CZ3  doub Y N 296 
TRP CE3 HE3  sing N N 297 
TRP CZ2 CH2  doub Y N 298 
TRP CZ2 HZ2  sing N N 299 
TRP CZ3 CH2  sing Y N 300 
TRP CZ3 HZ3  sing N N 301 
TRP CH2 HH2  sing N N 302 
TRP OXT HXT  sing N N 303 
VAL N   CA   sing N N 304 
VAL N   H    sing N N 305 
VAL N   H2   sing N N 306 
VAL CA  C    sing N N 307 
VAL CA  CB   sing N N 308 
VAL CA  HA   sing N N 309 
VAL C   O    doub N N 310 
VAL C   OXT  sing N N 311 
VAL CB  CG1  sing N N 312 
VAL CB  CG2  sing N N 313 
VAL CB  HB   sing N N 314 
VAL CG1 HG11 sing N N 315 
VAL CG1 HG12 sing N N 316 
VAL CG1 HG13 sing N N 317 
VAL CG2 HG21 sing N N 318 
VAL CG2 HG22 sing N N 319 
VAL CG2 HG23 sing N N 320 
VAL OXT HXT  sing N N 321 
# 
_atom_sites.entry_id                    2NO2 
_atom_sites.fract_transf_matrix[1][1]   -0.01073359 
_atom_sites.fract_transf_matrix[1][2]   0.00472786 
_atom_sites.fract_transf_matrix[1][3]   0.01424219 
_atom_sites.fract_transf_matrix[2][1]   0.00190015 
_atom_sites.fract_transf_matrix[2][2]   0.01779765 
_atom_sites.fract_transf_matrix[2][3]   -0.00447610 
_atom_sites.fract_transf_matrix[3][1]   -0.00530074 
_atom_sites.fract_transf_matrix[3][2]   -0.00040497 
_atom_sites.fract_transf_matrix[3][3]   -0.00386045 
_atom_sites.fract_transf_vector[1]      -0.069036 
_atom_sites.fract_transf_vector[2]      0.348944 
_atom_sites.fract_transf_vector[3]      0.214794 
# 
loop_
_atom_type.symbol 
C 
N 
O 
S 
# 
loop_
_atom_site.group_PDB 
_atom_site.id 
_atom_site.type_symbol 
_atom_site.label_atom_id 
_atom_site.label_alt_id 
_atom_site.label_comp_id 
_atom_site.label_asym_id 
_atom_site.label_entity_id 
_atom_site.label_seq_id 
_atom_site.pdbx_PDB_ins_code 
_atom_site.Cartn_x 
_atom_site.Cartn_y 
_atom_site.Cartn_z 
_atom_site.occupancy 
_atom_site.B_iso_or_equiv 
_atom_site.pdbx_formal_charge 
_atom_site.auth_seq_id 
_atom_site.auth_comp_id 
_atom_site.auth_asym_id 
_atom_site.auth_atom_id 
_atom_site.pdbx_PDB_model_num 
ATOM   1   N N   . GLY A 1 1   ? -43.998 -19.058 -55.253 1.00 80.15  ? 480 GLY A N   1 
ATOM   2   C CA  . GLY A 1 1   ? -45.289 -18.376 -54.949 1.00 80.15  ? 480 GLY A CA  1 
ATOM   3   C C   . GLY A 1 1   ? -45.424 -17.901 -53.513 1.00 80.15  ? 480 GLY A C   1 
ATOM   4   O O   . GLY A 1 1   ? -44.457 -17.890 -52.755 1.00 80.15  ? 480 GLY A O   1 
ATOM   5   N N   . SER A 1 2   ? -46.636 -17.504 -53.142 1.00 63.18  ? 481 SER A N   1 
ATOM   6   C CA  . SER A 1 2   ? -46.913 -17.022 -51.796 1.00 63.18  ? 481 SER A CA  1 
ATOM   7   C C   . SER A 1 2   ? -46.698 -18.135 -50.791 1.00 63.18  ? 481 SER A C   1 
ATOM   8   O O   . SER A 1 2   ? -46.267 -17.890 -49.663 1.00 63.18  ? 481 SER A O   1 
ATOM   9   C CB  . SER A 1 2   ? -48.355 -16.507 -51.695 1.00 88.14  ? 481 SER A CB  1 
ATOM   10  O OG  . SER A 1 2   ? -48.573 -15.382 -52.530 1.00 88.14  ? 481 SER A OG  1 
ATOM   11  N N   . HIS A 1 3   ? -46.999 -19.364 -51.196 1.00 67.20  ? 482 HIS A N   1 
ATOM   12  C CA  . HIS A 1 3   ? -46.815 -20.494 -50.301 1.00 67.20  ? 482 HIS A CA  1 
ATOM   13  C C   . HIS A 1 3   ? -45.311 -20.732 -50.106 1.00 67.20  ? 482 HIS A C   1 
ATOM   14  O O   . HIS A 1 3   ? -44.829 -20.902 -48.986 1.00 67.20  ? 482 HIS A O   1 
ATOM   15  C CB  . HIS A 1 3   ? -47.476 -21.741 -50.886 1.00 56.41  ? 482 HIS A CB  1 
ATOM   16  C CG  . HIS A 1 3   ? -47.978 -22.701 -49.852 1.00 56.41  ? 482 HIS A CG  1 
ATOM   17  N ND1 . HIS A 1 3   ? -47.277 -22.997 -48.701 1.00 56.41  ? 482 HIS A ND1 1 
ATOM   18  C CD2 . HIS A 1 3   ? -49.105 -23.450 -49.805 1.00 56.41  ? 482 HIS A CD2 1 
ATOM   19  C CE1 . HIS A 1 3   ? -47.946 -23.886 -47.991 1.00 56.41  ? 482 HIS A CE1 1 
ATOM   20  N NE2 . HIS A 1 3   ? -49.060 -24.177 -48.641 1.00 56.41  ? 482 HIS A NE2 1 
ATOM   21  N N   . ALA A 1 4   ? -44.562 -20.735 -51.199 1.00 51.23  ? 483 ALA A N   1 
ATOM   22  C CA  . ALA A 1 4   ? -43.124 -20.943 -51.099 1.00 51.23  ? 483 ALA A CA  1 
ATOM   23  C C   . ALA A 1 4   ? -42.531 -19.865 -50.209 1.00 51.23  ? 483 ALA A C   1 
ATOM   24  O O   . ALA A 1 4   ? -41.765 -20.182 -49.293 1.00 51.23  ? 483 ALA A O   1 
ATOM   25  C CB  . ALA A 1 4   ? -42.471 -20.902 -52.480 1.00 58.83  ? 483 ALA A CB  1 
ATOM   26  N N   . ASP A 1 5   ? -42.895 -18.602 -50.468 1.00 52.19  ? 484 ASP A N   1 
ATOM   27  C CA  . ASP A 1 5   ? -42.388 -17.463 -49.685 1.00 52.19  ? 484 ASP A CA  1 
ATOM   28  C C   . ASP A 1 5   ? -42.716 -17.566 -48.210 1.00 52.19  ? 484 ASP A C   1 
ATOM   29  O O   . ASP A 1 5   ? -41.830 -17.405 -47.382 1.00 52.19  ? 484 ASP A O   1 
ATOM   30  C CB  . ASP A 1 5   ? -42.919 -16.133 -50.214 1.00 70.60  ? 484 ASP A CB  1 
ATOM   31  C CG  . ASP A 1 5   ? -42.466 -15.853 -51.621 1.00 70.60  ? 484 ASP A CG  1 
ATOM   32  O OD1 . ASP A 1 5   ? -41.300 -16.166 -51.948 1.00 70.60  ? 484 ASP A OD1 1 
ATOM   33  O OD2 . ASP A 1 5   ? -43.277 -15.310 -52.395 1.00 70.60  ? 484 ASP A OD2 1 
ATOM   34  N N   . LEU A 1 6   ? -43.974 -17.831 -47.869 1.00 43.70  ? 485 LEU A N   1 
ATOM   35  C CA  . LEU A 1 6   ? -44.340 -17.967 -46.458 1.00 43.70  ? 485 LEU A CA  1 
ATOM   36  C C   . LEU A 1 6   ? -43.551 -19.094 -45.773 1.00 43.70  ? 485 LEU A C   1 
ATOM   37  O O   . LEU A 1 6   ? -43.027 -18.917 -44.663 1.00 43.70  ? 485 LEU A O   1 
ATOM   38  C CB  . LEU A 1 6   ? -45.847 -18.206 -46.324 1.00 55.86  ? 485 LEU A CB  1 
ATOM   39  C CG  . LEU A 1 6   ? -46.704 -16.962 -46.039 1.00 55.86  ? 485 LEU A CG  1 
ATOM   40  C CD1 . LEU A 1 6   ? -46.411 -15.857 -47.056 1.00 55.86  ? 485 LEU A CD1 1 
ATOM   41  C CD2 . LEU A 1 6   ? -48.171 -17.361 -46.064 1.00 55.86  ? 485 LEU A CD2 1 
ATOM   42  N N   . LEU A 1 7   ? -43.458 -20.245 -46.442 1.00 52.08  ? 486 LEU A N   1 
ATOM   43  C CA  . LEU A 1 7   ? -42.718 -21.395 -45.925 1.00 52.08  ? 486 LEU A CA  1 
ATOM   44  C C   . LEU A 1 7   ? -41.239 -21.066 -45.728 1.00 52.08  ? 486 LEU A C   1 
ATOM   45  O O   . LEU A 1 7   ? -40.628 -21.469 -44.733 1.00 52.08  ? 486 LEU A O   1 
ATOM   46  C CB  . LEU A 1 7   ? -42.857 -22.575 -46.880 1.00 49.99  ? 486 LEU A CB  1 
ATOM   47  C CG  . LEU A 1 7   ? -44.104 -23.421 -46.627 1.00 49.99  ? 486 LEU A CG  1 
ATOM   48  C CD1 . LEU A 1 7   ? -44.189 -24.522 -47.674 1.00 49.99  ? 486 LEU A CD1 1 
ATOM   49  C CD2 . LEU A 1 7   ? -44.053 -24.012 -45.216 1.00 49.99  ? 486 LEU A CD2 1 
ATOM   50  N N   . ARG A 1 8   ? -40.667 -20.340 -46.684 1.00 50.99  ? 487 ARG A N   1 
ATOM   51  C CA  . ARG A 1 8   ? -39.271 -19.960 -46.596 1.00 50.99  ? 487 ARG A CA  1 
ATOM   52  C C   . ARG A 1 8   ? -39.115 -18.925 -45.502 1.00 50.99  ? 487 ARG A C   1 
ATOM   53  O O   . ARG A 1 8   ? -38.255 -19.054 -44.630 1.00 50.99  ? 487 ARG A O   1 
ATOM   54  C CB  . ARG A 1 8   ? -38.788 -19.379 -47.911 1.00 100.33 ? 487 ARG A CB  1 
ATOM   55  C CG  . ARG A 1 8   ? -37.313 -19.117 -47.904 1.00 100.33 ? 487 ARG A CG  1 
ATOM   56  C CD  . ARG A 1 8   ? -36.900 -18.550 -49.217 1.00 100.33 ? 487 ARG A CD  1 
ATOM   57  N NE  . ARG A 1 8   ? -37.552 -17.271 -49.453 1.00 100.33 ? 487 ARG A NE  1 
ATOM   58  C CZ  . ARG A 1 8   ? -37.965 -16.853 -50.646 1.00 100.33 ? 487 ARG A CZ  1 
ATOM   59  N NH1 . ARG A 1 8   ? -37.797 -17.619 -51.721 1.00 100.33 ? 487 ARG A NH1 1 
ATOM   60  N NH2 . ARG A 1 8   ? -38.544 -15.662 -50.763 1.00 100.33 ? 487 ARG A NH2 1 
ATOM   61  N N   . LYS A 1 9   ? -39.973 -17.905 -45.552 1.00 67.92  ? 488 LYS A N   1 
ATOM   62  C CA  . LYS A 1 9   ? -39.981 -16.805 -44.585 1.00 67.92  ? 488 LYS A CA  1 
ATOM   63  C C   . LYS A 1 9   ? -40.077 -17.364 -43.175 1.00 67.92  ? 488 LYS A C   1 
ATOM   64  O O   . LYS A 1 9   ? -39.296 -17.008 -42.300 1.00 67.92  ? 488 LYS A O   1 
ATOM   65  C CB  . LYS A 1 9   ? -41.171 -15.879 -44.861 1.00 134.73 ? 488 LYS A CB  1 
ATOM   66  C CG  . LYS A 1 9   ? -40.939 -14.412 -44.537 1.00 134.73 ? 488 LYS A CG  1 
ATOM   67  C CD  . LYS A 1 9   ? -42.101 -13.554 -45.045 1.00 134.73 ? 488 LYS A CD  1 
ATOM   68  C CE  . LYS A 1 9   ? -42.273 -13.652 -46.565 1.00 134.73 ? 488 LYS A CE  1 
ATOM   69  N NZ  . LYS A 1 9   ? -43.492 -12.957 -47.073 1.00 134.73 ? 488 LYS A NZ  1 
ATOM   70  N N   . ASN A 1 10  ? -41.029 -18.260 -42.963 1.00 67.08  ? 489 ASN A N   1 
ATOM   71  C CA  . ASN A 1 10  ? -41.203 -18.843 -41.653 1.00 67.08  ? 489 ASN A CA  1 
ATOM   72  C C   . ASN A 1 10  ? -39.995 -19.647 -41.188 1.00 67.08  ? 489 ASN A C   1 
ATOM   73  O O   . ASN A 1 10  ? -39.675 -19.654 -39.996 1.00 67.08  ? 489 ASN A O   1 
ATOM   74  C CB  . ASN A 1 10  ? -42.451 -19.716 -41.630 1.00 66.55  ? 489 ASN A CB  1 
ATOM   75  C CG  . ASN A 1 10  ? -42.640 -20.421 -40.302 1.00 66.55  ? 489 ASN A CG  1 
ATOM   76  O OD1 . ASN A 1 10  ? -42.358 -21.609 -40.169 1.00 66.55  ? 489 ASN A OD1 1 
ATOM   77  N ND2 . ASN A 1 10  ? -43.109 -19.684 -39.307 1.00 66.55  ? 489 ASN A ND2 1 
ATOM   78  N N   . ALA A 1 11  ? -39.318 -20.320 -42.115 1.00 66.00  ? 490 ALA A N   1 
ATOM   79  C CA  . ALA A 1 11  ? -38.145 -21.130 -41.759 1.00 66.00  ? 490 ALA A CA  1 
ATOM   80  C C   . ALA A 1 11  ? -37.028 -20.262 -41.198 1.00 66.00  ? 490 ALA A C   1 
ATOM   81  O O   . ALA A 1 11  ? -36.284 -20.680 -40.307 1.00 66.00  ? 490 ALA A O   1 
ATOM   82  C CB  . ALA A 1 11  ? -37.650 -21.891 -42.970 1.00 58.18  ? 490 ALA A CB  1 
ATOM   83  N N   . GLU A 1 12  ? -36.921 -19.054 -41.743 1.00 69.58  ? 491 GLU A N   1 
ATOM   84  C CA  . GLU A 1 12  ? -35.930 -18.085 -41.309 1.00 69.58  ? 491 GLU A CA  1 
ATOM   85  C C   . GLU A 1 12  ? -36.261 -17.586 -39.891 1.00 69.58  ? 491 GLU A C   1 
ATOM   86  O O   . GLU A 1 12  ? -35.392 -17.553 -39.016 1.00 69.58  ? 491 GLU A O   1 
ATOM   87  C CB  . GLU A 1 12  ? -35.897 -16.909 -42.290 1.00 126.51 ? 491 GLU A CB  1 
ATOM   88  C CG  . GLU A 1 12  ? -34.942 -15.791 -41.909 1.00 126.51 ? 491 GLU A CG  1 
ATOM   89  C CD  . GLU A 1 12  ? -33.495 -16.249 -41.819 1.00 126.51 ? 491 GLU A CD  1 
ATOM   90  O OE1 . GLU A 1 12  ? -33.205 -17.177 -41.032 1.00 126.51 ? 491 GLU A OE1 1 
ATOM   91  O OE2 . GLU A 1 12  ? -32.641 -15.677 -42.532 1.00 126.51 ? 491 GLU A OE2 1 
ATOM   92  N N   . VAL A 1 13  ? -37.516 -17.215 -39.654 1.00 73.56  ? 492 VAL A N   1 
ATOM   93  C CA  . VAL A 1 13  ? -37.904 -16.721 -38.338 1.00 73.56  ? 492 VAL A CA  1 
ATOM   94  C C   . VAL A 1 13  ? -37.555 -17.731 -37.259 1.00 73.56  ? 492 VAL A C   1 
ATOM   95  O O   . VAL A 1 13  ? -37.169 -17.359 -36.153 1.00 73.56  ? 492 VAL A O   1 
ATOM   96  C CB  . VAL A 1 13  ? -39.416 -16.388 -38.264 1.00 50.55  ? 492 VAL A CB  1 
ATOM   97  C CG1 . VAL A 1 13  ? -39.808 -16.066 -36.835 1.00 50.55  ? 492 VAL A CG1 1 
ATOM   98  C CG2 . VAL A 1 13  ? -39.722 -15.197 -39.155 1.00 50.55  ? 492 VAL A CG2 1 
ATOM   99  N N   . THR A 1 14  ? -37.678 -19.012 -37.580 1.00 66.02  ? 493 THR A N   1 
ATOM   100 C CA  . THR A 1 14  ? -37.355 -20.056 -36.616 1.00 66.02  ? 493 THR A CA  1 
ATOM   101 C C   . THR A 1 14  ? -35.855 -20.056 -36.301 1.00 66.02  ? 493 THR A C   1 
ATOM   102 O O   . THR A 1 14  ? -35.445 -20.220 -35.147 1.00 66.02  ? 493 THR A O   1 
ATOM   103 C CB  . THR A 1 14  ? -37.763 -21.420 -37.155 1.00 64.33  ? 493 THR A CB  1 
ATOM   104 O OG1 . THR A 1 14  ? -39.186 -21.452 -37.315 1.00 64.33  ? 493 THR A OG1 1 
ATOM   105 C CG2 . THR A 1 14  ? -37.342 -22.506 -36.208 1.00 64.33  ? 493 THR A CG2 1 
ATOM   106 N N   . LYS A 1 15  ? -35.044 -19.875 -37.337 1.00 49.82  ? 494 LYS A N   1 
ATOM   107 C CA  . LYS A 1 15  ? -33.604 -19.821 -37.179 1.00 49.82  ? 494 LYS A CA  1 
ATOM   108 C C   . LYS A 1 15  ? -33.209 -18.604 -36.335 1.00 49.82  ? 494 LYS A C   1 
ATOM   109 O O   . LYS A 1 15  ? -32.337 -18.703 -35.463 1.00 49.82  ? 494 LYS A O   1 
ATOM   110 C CB  . LYS A 1 15  ? -32.934 -19.757 -38.554 1.00 86.44  ? 494 LYS A CB  1 
ATOM   111 C CG  . LYS A 1 15  ? -32.596 -21.121 -39.138 1.00 86.44  ? 494 LYS A CG  1 
ATOM   112 C CD  . LYS A 1 15  ? -31.535 -21.809 -38.264 1.00 86.44  ? 494 LYS A CD  1 
ATOM   113 C CE  . LYS A 1 15  ? -31.009 -23.138 -38.846 1.00 86.44  ? 494 LYS A CE  1 
ATOM   114 N NZ  . LYS A 1 15  ? -29.865 -23.690 -38.043 1.00 86.44  ? 494 LYS A NZ  1 
ATOM   115 N N   . GLN A 1 16  ? -33.845 -17.456 -36.579 1.00 59.70  ? 495 GLN A N   1 
ATOM   116 C CA  . GLN A 1 16  ? -33.534 -16.239 -35.819 1.00 59.70  ? 495 GLN A CA  1 
ATOM   117 C C   . GLN A 1 16  ? -33.926 -16.407 -34.353 1.00 59.70  ? 495 GLN A C   1 
ATOM   118 O O   . GLN A 1 16  ? -33.186 -16.020 -33.445 1.00 59.70  ? 495 GLN A O   1 
ATOM   119 C CB  . GLN A 1 16  ? -34.255 -15.040 -36.424 1.00 91.11  ? 495 GLN A CB  1 
ATOM   120 C CG  . GLN A 1 16  ? -33.988 -14.899 -37.895 1.00 91.11  ? 495 GLN A CG  1 
ATOM   121 C CD  . GLN A 1 16  ? -34.383 -13.546 -38.419 1.00 91.11  ? 495 GLN A CD  1 
ATOM   122 O OE1 . GLN A 1 16  ? -33.734 -12.550 -38.115 1.00 91.11  ? 495 GLN A OE1 1 
ATOM   123 N NE2 . GLN A 1 16  ? -35.458 -13.493 -39.205 1.00 91.11  ? 495 GLN A NE2 1 
ATOM   124 N N   . VAL A 1 17  ? -35.096 -16.987 -34.118 1.00 53.19  ? 496 VAL A N   1 
ATOM   125 C CA  . VAL A 1 17  ? -35.520 -17.221 -32.750 1.00 53.19  ? 496 VAL A CA  1 
ATOM   126 C C   . VAL A 1 17  ? -34.430 -17.998 -32.055 1.00 53.19  ? 496 VAL A C   1 
ATOM   127 O O   . VAL A 1 17  ? -34.007 -17.629 -30.972 1.00 53.19  ? 496 VAL A O   1 
ATOM   128 C CB  . VAL A 1 17  ? -36.788 -18.055 -32.671 1.00 44.29  ? 496 VAL A CB  1 
ATOM   129 C CG1 . VAL A 1 17  ? -37.089 -18.409 -31.222 1.00 44.29  ? 496 VAL A CG1 1 
ATOM   130 C CG2 . VAL A 1 17  ? -37.929 -17.282 -33.287 1.00 44.29  ? 496 VAL A CG2 1 
ATOM   131 N N   . SER A 1 18  ? -33.976 -19.077 -32.685 1.00 58.91  ? 497 SER A N   1 
ATOM   132 C CA  . SER A 1 18  ? -32.929 -19.905 -32.108 1.00 58.91  ? 497 SER A CA  1 
ATOM   133 C C   . SER A 1 18  ? -31.681 -19.067 -31.816 1.00 58.91  ? 497 SER A C   1 
ATOM   134 O O   . SER A 1 18  ? -31.107 -19.159 -30.723 1.00 58.91  ? 497 SER A O   1 
ATOM   135 C CB  . SER A 1 18  ? -32.590 -21.057 -33.059 1.00 84.07  ? 497 SER A CB  1 
ATOM   136 O OG  . SER A 1 18  ? -31.757 -22.018 -32.434 1.00 84.07  ? 497 SER A OG  1 
ATOM   137 N N   . MET A 1 19  ? -31.270 -18.243 -32.782 1.00 67.05  ? 498 MET A N   1 
ATOM   138 C CA  . MET A 1 19  ? -30.089 -17.392 -32.607 1.00 67.05  ? 498 MET A CA  1 
ATOM   139 C C   . MET A 1 19  ? -30.247 -16.410 -31.435 1.00 67.05  ? 498 MET A C   1 
ATOM   140 O O   . MET A 1 19  ? -29.301 -16.179 -30.676 1.00 67.05  ? 498 MET A O   1 
ATOM   141 C CB  . MET A 1 19  ? -29.810 -16.601 -33.885 1.00 80.19  ? 498 MET A CB  1 
ATOM   142 C CG  . MET A 1 19  ? -29.473 -17.444 -35.096 1.00 80.19  ? 498 MET A CG  1 
ATOM   143 S SD  . MET A 1 19  ? -29.127 -16.407 -36.545 1.00 80.19  ? 498 MET A SD  1 
ATOM   144 C CE  . MET A 1 19  ? -27.582 -15.621 -35.989 1.00 80.19  ? 498 MET A CE  1 
ATOM   145 N N   . ALA A 1 20  ? -31.441 -15.830 -31.301 1.00 59.20  ? 499 ALA A N   1 
ATOM   146 C CA  . ALA A 1 20  ? -31.722 -14.888 -30.220 1.00 59.20  ? 499 ALA A CA  1 
ATOM   147 C C   . ALA A 1 20  ? -31.661 -15.613 -28.886 1.00 59.20  ? 499 ALA A C   1 
ATOM   148 O O   . ALA A 1 20  ? -31.122 -15.088 -27.915 1.00 59.20  ? 499 ALA A O   1 
ATOM   149 C CB  . ALA A 1 20  ? -33.101 -14.252 -30.404 1.00 54.62  ? 499 ALA A CB  1 
ATOM   150 N N   . ARG A 1 21  ? -32.209 -16.823 -28.837 1.00 65.93  ? 500 ARG A N   1 
ATOM   151 C CA  . ARG A 1 21  ? -32.197 -17.595 -27.604 1.00 65.93  ? 500 ARG A CA  1 
ATOM   152 C C   . ARG A 1 21  ? -30.750 -17.902 -27.234 1.00 65.93  ? 500 ARG A C   1 
ATOM   153 O O   . ARG A 1 21  ? -30.416 -18.067 -26.056 1.00 65.93  ? 500 ARG A O   1 
ATOM   154 C CB  . ARG A 1 21  ? -32.986 -18.886 -27.782 1.00 152.19 ? 500 ARG A CB  1 
ATOM   155 C CG  . ARG A 1 21  ? -33.372 -19.568 -26.488 1.00 152.19 ? 500 ARG A CG  1 
ATOM   156 C CD  . ARG A 1 21  ? -34.764 -20.141 -26.640 1.00 152.19 ? 500 ARG A CD  1 
ATOM   157 N NE  . ARG A 1 21  ? -34.916 -20.788 -27.942 1.00 152.19 ? 500 ARG A NE  1 
ATOM   158 C CZ  . ARG A 1 21  ? -36.083 -21.062 -28.518 1.00 152.19 ? 500 ARG A CZ  1 
ATOM   159 N NH1 . ARG A 1 21  ? -37.218 -20.745 -27.910 1.00 152.19 ? 500 ARG A NH1 1 
ATOM   160 N NH2 . ARG A 1 21  ? -36.112 -21.649 -29.709 1.00 152.19 ? 500 ARG A NH2 1 
ATOM   161 N N   . GLN A 1 22  ? -29.885 -17.959 -28.245 1.00 44.63  ? 501 GLN A N   1 
ATOM   162 C CA  . GLN A 1 22  ? -28.475 -18.236 -28.019 1.00 44.63  ? 501 GLN A CA  1 
ATOM   163 C C   . GLN A 1 22  ? -27.788 -16.997 -27.480 1.00 44.63  ? 501 GLN A C   1 
ATOM   164 O O   . GLN A 1 22  ? -26.988 -17.094 -26.553 1.00 44.63  ? 501 GLN A O   1 
ATOM   165 C CB  . GLN A 1 22  ? -27.802 -18.670 -29.317 1.00 82.14  ? 501 GLN A CB  1 
ATOM   166 C CG  . GLN A 1 22  ? -26.388 -19.186 -29.139 1.00 82.14  ? 501 GLN A CG  1 
ATOM   167 C CD  . GLN A 1 22  ? -26.298 -20.248 -28.063 1.00 82.14  ? 501 GLN A CD  1 
ATOM   168 O OE1 . GLN A 1 22  ? -27.224 -21.042 -27.873 1.00 82.14  ? 501 GLN A OE1 1 
ATOM   169 N NE2 . GLN A 1 22  ? -25.171 -20.277 -27.359 1.00 82.14  ? 501 GLN A NE2 1 
ATOM   170 N N   . ALA A 1 23  ? -28.089 -15.836 -28.066 1.00 54.58  ? 502 ALA A N   1 
ATOM   171 C CA  . ALA A 1 23  ? -27.510 -14.562 -27.610 1.00 54.58  ? 502 ALA A CA  1 
ATOM   172 C C   . ALA A 1 23  ? -27.845 -14.403 -26.131 1.00 54.58  ? 502 ALA A C   1 
ATOM   173 O O   . ALA A 1 23  ? -27.023 -13.948 -25.330 1.00 54.58  ? 502 ALA A O   1 
ATOM   174 C CB  . ALA A 1 23  ? -28.094 -13.413 -28.395 1.00 65.75  ? 502 ALA A CB  1 
ATOM   175 N N   . GLN A 1 24  ? -29.073 -14.787 -25.791 1.00 54.48  ? 503 GLN A N   1 
ATOM   176 C CA  . GLN A 1 24  ? -29.555 -14.758 -24.417 1.00 54.48  ? 503 GLN A CA  1 
ATOM   177 C C   . GLN A 1 24  ? -28.518 -15.517 -23.578 1.00 54.48  ? 503 GLN A C   1 
ATOM   178 O O   . GLN A 1 24  ? -27.888 -14.956 -22.682 1.00 54.48  ? 503 GLN A O   1 
ATOM   179 C CB  . GLN A 1 24  ? -30.892 -15.486 -24.331 1.00 102.77 ? 503 GLN A CB  1 
ATOM   180 C CG  . GLN A 1 24  ? -31.814 -14.977 -23.261 1.00 102.77 ? 503 GLN A CG  1 
ATOM   181 C CD  . GLN A 1 24  ? -32.837 -14.019 -23.813 1.00 102.77 ? 503 GLN A CD  1 
ATOM   182 O OE1 . GLN A 1 24  ? -33.667 -13.489 -23.078 1.00 102.77 ? 503 GLN A OE1 1 
ATOM   183 N NE2 . GLN A 1 24  ? -32.789 -13.792 -25.122 1.00 102.77 ? 503 GLN A NE2 1 
ATOM   184 N N   . VAL A 1 25  ? -28.336 -16.797 -23.892 1.00 62.74  ? 504 VAL A N   1 
ATOM   185 C CA  . VAL A 1 25  ? -27.386 -17.654 -23.192 1.00 62.74  ? 504 VAL A CA  1 
ATOM   186 C C   . VAL A 1 25  ? -25.975 -17.096 -23.125 1.00 62.74  ? 504 VAL A C   1 
ATOM   187 O O   . VAL A 1 25  ? -25.389 -17.012 -22.050 1.00 62.74  ? 504 VAL A O   1 
ATOM   188 C CB  . VAL A 1 25  ? -27.309 -19.022 -23.855 1.00 70.98  ? 504 VAL A CB  1 
ATOM   189 C CG1 . VAL A 1 25  ? -26.223 -19.851 -23.207 1.00 70.98  ? 504 VAL A CG1 1 
ATOM   190 C CG2 . VAL A 1 25  ? -28.646 -19.707 -23.745 1.00 70.98  ? 504 VAL A CG2 1 
ATOM   191 N N   . ASP A 1 26  ? -25.424 -16.731 -24.276 1.00 62.22  ? 505 ASP A N   1 
ATOM   192 C CA  . ASP A 1 26  ? -24.071 -16.182 -24.324 1.00 62.22  ? 505 ASP A CA  1 
ATOM   193 C C   . ASP A 1 26  ? -23.931 -14.872 -23.532 1.00 62.22  ? 505 ASP A C   1 
ATOM   194 O O   . ASP A 1 26  ? -22.954 -14.684 -22.805 1.00 62.22  ? 505 ASP A O   1 
ATOM   195 C CB  . ASP A 1 26  ? -23.635 -15.969 -25.780 1.00 93.88  ? 505 ASP A CB  1 
ATOM   196 C CG  . ASP A 1 26  ? -23.465 -17.275 -26.536 1.00 93.88  ? 505 ASP A CG  1 
ATOM   197 O OD1 . ASP A 1 26  ? -22.733 -18.159 -26.035 1.00 93.88  ? 505 ASP A OD1 1 
ATOM   198 O OD2 . ASP A 1 26  ? -24.055 -17.417 -27.630 1.00 93.88  ? 505 ASP A OD2 1 
ATOM   199 N N   . LEU A 1 27  ? -24.898 -13.969 -23.668 1.00 52.09  ? 506 LEU A N   1 
ATOM   200 C CA  . LEU A 1 27  ? -24.845 -12.704 -22.942 1.00 52.09  ? 506 LEU A CA  1 
ATOM   201 C C   . LEU A 1 27  ? -24.963 -12.917 -21.433 1.00 52.09  ? 506 LEU A C   1 
ATOM   202 O O   . LEU A 1 27  ? -24.112 -12.458 -20.664 1.00 52.09  ? 506 LEU A O   1 
ATOM   203 C CB  . LEU A 1 27  ? -25.955 -11.776 -23.434 1.00 45.15  ? 506 LEU A CB  1 
ATOM   204 C CG  . LEU A 1 27  ? -25.519 -10.702 -24.439 1.00 45.15  ? 506 LEU A CG  1 
ATOM   205 C CD1 . LEU A 1 27  ? -24.128 -10.989 -25.010 1.00 45.15  ? 506 LEU A CD1 1 
ATOM   206 C CD2 . LEU A 1 27  ? -26.578 -10.624 -25.528 1.00 45.15  ? 506 LEU A CD2 1 
ATOM   207 N N   . GLU A 1 28  ? -26.011 -13.619 -21.010 1.00 86.15  ? 507 GLU A N   1 
ATOM   208 C CA  . GLU A 1 28  ? -26.227 -13.889 -19.595 1.00 86.15  ? 507 GLU A CA  1 
ATOM   209 C C   . GLU A 1 28  ? -25.006 -14.526 -18.949 1.00 86.15  ? 507 GLU A C   1 
ATOM   210 O O   . GLU A 1 28  ? -24.785 -14.393 -17.750 1.00 86.15  ? 507 GLU A O   1 
ATOM   211 C CB  . GLU A 1 28  ? -27.441 -14.792 -19.420 1.00 137.01 ? 507 GLU A CB  1 
ATOM   212 C CG  . GLU A 1 28  ? -28.747 -14.065 -19.589 1.00 137.01 ? 507 GLU A CG  1 
ATOM   213 C CD  . GLU A 1 28  ? -29.897 -15.010 -19.837 1.00 137.01 ? 507 GLU A CD  1 
ATOM   214 O OE1 . GLU A 1 28  ? -29.942 -16.077 -19.189 1.00 137.01 ? 507 GLU A OE1 1 
ATOM   215 O OE2 . GLU A 1 28  ? -30.760 -14.682 -20.675 1.00 137.01 ? 507 GLU A OE2 1 
ATOM   216 N N   . ARG A 1 29  ? -24.209 -15.215 -19.753 1.00 72.65  ? 508 ARG A N   1 
ATOM   217 C CA  . ARG A 1 29  ? -23.008 -15.872 -19.264 1.00 72.65  ? 508 ARG A CA  1 
ATOM   218 C C   . ARG A 1 29  ? -21.837 -14.883 -19.245 1.00 72.65  ? 508 ARG A C   1 
ATOM   219 O O   . ARG A 1 29  ? -21.041 -14.847 -18.300 1.00 72.65  ? 508 ARG A O   1 
ATOM   220 C CB  . ARG A 1 29  ? -22.698 -17.070 -20.160 1.00 137.92 ? 508 ARG A CB  1 
ATOM   221 C CG  . ARG A 1 29  ? -21.478 -17.856 -19.771 1.00 137.92 ? 508 ARG A CG  1 
ATOM   222 C CD  . ARG A 1 29  ? -20.213 -17.162 -20.210 1.00 137.92 ? 508 ARG A CD  1 
ATOM   223 N NE  . ARG A 1 29  ? -19.238 -18.150 -20.636 1.00 137.92 ? 508 ARG A NE  1 
ATOM   224 C CZ  . ARG A 1 29  ? -19.415 -18.960 -21.675 1.00 137.92 ? 508 ARG A CZ  1 
ATOM   225 N NH1 . ARG A 1 29  ? -20.529 -18.889 -22.398 1.00 137.92 ? 508 ARG A NH1 1 
ATOM   226 N NH2 . ARG A 1 29  ? -18.485 -19.857 -21.980 1.00 137.92 ? 508 ARG A NH2 1 
ATOM   227 N N   . GLU A 1 30  ? -21.730 -14.078 -20.295 1.00 73.49  ? 509 GLU A N   1 
ATOM   228 C CA  . GLU A 1 30  ? -20.664 -13.089 -20.380 1.00 73.49  ? 509 GLU A CA  1 
ATOM   229 C C   . GLU A 1 30  ? -20.827 -12.084 -19.257 1.00 73.49  ? 509 GLU A C   1 
ATOM   230 O O   . GLU A 1 30  ? -19.864 -11.489 -18.791 1.00 73.49  ? 509 GLU A O   1 
ATOM   231 C CB  . GLU A 1 30  ? -20.724 -12.373 -21.725 1.00 76.80  ? 509 GLU A CB  1 
ATOM   232 C CG  . GLU A 1 30  ? -19.951 -11.084 -21.774 1.00 76.80  ? 509 GLU A CG  1 
ATOM   233 C CD  . GLU A 1 30  ? -19.916 -10.513 -23.173 1.00 76.80  ? 509 GLU A CD  1 
ATOM   234 O OE1 . GLU A 1 30  ? -20.907 -10.719 -23.908 1.00 76.80  ? 509 GLU A OE1 1 
ATOM   235 O OE2 . GLU A 1 30  ? -18.912 -9.859  -23.541 1.00 76.80  ? 509 GLU A OE2 1 
ATOM   236 N N   . LYS A 1 31  ? -22.062 -11.900 -18.820 1.00 82.35  ? 510 LYS A N   1 
ATOM   237 C CA  . LYS A 1 31  ? -22.322 -10.958 -17.760 1.00 82.35  ? 510 LYS A CA  1 
ATOM   238 C C   . LYS A 1 31  ? -21.945 -11.533 -16.410 1.00 82.35  ? 510 LYS A C   1 
ATOM   239 O O   . LYS A 1 31  ? -21.677 -10.789 -15.474 1.00 82.35  ? 510 LYS A O   1 
ATOM   240 C CB  . LYS A 1 31  ? -23.793 -10.548 -17.749 1.00 90.81  ? 510 LYS A CB  1 
ATOM   241 C CG  . LYS A 1 31  ? -24.043 -9.415  -16.786 1.00 90.81  ? 510 LYS A CG  1 
ATOM   242 C CD  . LYS A 1 31  ? -25.469 -8.965  -16.756 1.00 90.81  ? 510 LYS A CD  1 
ATOM   243 C CE  . LYS A 1 31  ? -25.603 -7.827  -15.778 1.00 90.81  ? 510 LYS A CE  1 
ATOM   244 N NZ  . LYS A 1 31  ? -27.019 -7.463  -15.575 1.00 90.81  ? 510 LYS A NZ  1 
ATOM   245 N N   . LYS A 1 32  ? -21.926 -12.856 -16.304 1.00 68.14  ? 511 LYS A N   1 
ATOM   246 C CA  . LYS A 1 32  ? -21.576 -13.491 -15.041 1.00 68.14  ? 511 LYS A CA  1 
ATOM   247 C C   . LYS A 1 32  ? -20.100 -13.271 -14.729 1.00 68.14  ? 511 LYS A C   1 
ATOM   248 O O   . LYS A 1 32  ? -19.717 -13.171 -13.564 1.00 68.14  ? 511 LYS A O   1 
ATOM   249 C CB  . LYS A 1 32  ? -21.865 -14.993 -15.078 1.00 136.83 ? 511 LYS A CB  1 
ATOM   250 C CG  . LYS A 1 32  ? -21.529 -15.702 -13.771 1.00 136.83 ? 511 LYS A CG  1 
ATOM   251 C CD  . LYS A 1 32  ? -21.436 -17.212 -13.952 1.00 136.83 ? 511 LYS A CD  1 
ATOM   252 C CE  . LYS A 1 32  ? -20.946 -17.896 -12.680 1.00 136.83 ? 511 LYS A CE  1 
ATOM   253 N NZ  . LYS A 1 32  ? -20.737 -19.359 -12.863 1.00 136.83 ? 511 LYS A NZ  1 
ATOM   254 N N   . GLU A 1 33  ? -19.266 -13.191 -15.763 1.00 74.39  ? 512 GLU A N   1 
ATOM   255 C CA  . GLU A 1 33  ? -17.846 -12.986 -15.527 1.00 74.39  ? 512 GLU A CA  1 
ATOM   256 C C   . GLU A 1 33  ? -17.527 -11.511 -15.317 1.00 74.39  ? 512 GLU A C   1 
ATOM   257 O O   . GLU A 1 33  ? -16.526 -11.170 -14.682 1.00 74.39  ? 512 GLU A O   1 
ATOM   258 C CB  . GLU A 1 33  ? -17.020 -13.582 -16.666 1.00 105.04 ? 512 GLU A CB  1 
ATOM   259 C CG  . GLU A 1 33  ? -17.428 -13.130 -18.030 1.00 105.04 ? 512 GLU A CG  1 
ATOM   260 C CD  . GLU A 1 33  ? -16.732 -13.918 -19.113 1.00 105.04 ? 512 GLU A CD  1 
ATOM   261 O OE1 . GLU A 1 33  ? -17.076 -15.110 -19.297 1.00 105.04 ? 512 GLU A OE1 1 
ATOM   262 O OE2 . GLU A 1 33  ? -15.833 -13.345 -19.771 1.00 105.04 ? 512 GLU A OE2 1 
ATOM   263 N N   . LEU A 1 34  ? -18.379 -10.635 -15.843 1.00 57.24  ? 513 LEU A N   1 
ATOM   264 C CA  . LEU A 1 34  ? -18.191 -9.199  -15.650 1.00 57.24  ? 513 LEU A CA  1 
ATOM   265 C C   . LEU A 1 34  ? -18.533 -8.949  -14.188 1.00 57.24  ? 513 LEU A C   1 
ATOM   266 O O   . LEU A 1 34  ? -17.826 -8.228  -13.485 1.00 57.24  ? 513 LEU A O   1 
ATOM   267 C CB  . LEU A 1 34  ? -19.125 -8.410  -16.559 1.00 53.32  ? 513 LEU A CB  1 
ATOM   268 C CG  . LEU A 1 34  ? -18.618 -8.333  -17.998 1.00 53.32  ? 513 LEU A CG  1 
ATOM   269 C CD1 . LEU A 1 34  ? -19.712 -7.839  -18.915 1.00 53.32  ? 513 LEU A CD1 1 
ATOM   270 C CD2 . LEU A 1 34  ? -17.421 -7.419  -18.057 1.00 53.32  ? 513 LEU A CD2 1 
ATOM   271 N N   . GLU A 1 35  ? -19.618 -9.578  -13.741 1.00 59.32  ? 514 GLU A N   1 
ATOM   272 C CA  . GLU A 1 35  ? -20.073 -9.479  -12.361 1.00 59.32  ? 514 GLU A CA  1 
ATOM   273 C C   . GLU A 1 35  ? -18.921 -9.870  -11.443 1.00 59.32  ? 514 GLU A C   1 
ATOM   274 O O   . GLU A 1 35  ? -18.607 -9.157  -10.499 1.00 59.32  ? 514 GLU A O   1 
ATOM   275 C CB  . GLU A 1 35  ? -21.241 -10.429 -12.114 1.00 105.93 ? 514 GLU A CB  1 
ATOM   276 C CG  . GLU A 1 35  ? -22.467 -9.775  -11.532 1.00 105.93 ? 514 GLU A CG  1 
ATOM   277 C CD  . GLU A 1 35  ? -23.349 -9.157  -12.593 1.00 105.93 ? 514 GLU A CD  1 
ATOM   278 O OE1 . GLU A 1 35  ? -22.861 -8.290  -13.347 1.00 105.93 ? 514 GLU A OE1 1 
ATOM   279 O OE2 . GLU A 1 35  ? -24.534 -9.542  -12.675 1.00 105.93 ? 514 GLU A OE2 1 
ATOM   280 N N   . ASP A 1 36  ? -18.289 -11.006 -11.719 1.00 71.91  ? 515 ASP A N   1 
ATOM   281 C CA  . ASP A 1 36  ? -17.180 -11.457 -10.887 1.00 71.91  ? 515 ASP A CA  1 
ATOM   282 C C   . ASP A 1 36  ? -15.988 -10.512 -10.969 1.00 71.91  ? 515 ASP A C   1 
ATOM   283 O O   . ASP A 1 36  ? -15.490 -10.046 -9.947  1.00 71.91  ? 515 ASP A O   1 
ATOM   284 C CB  . ASP A 1 36  ? -16.747 -12.872 -11.279 1.00 114.02 ? 515 ASP A CB  1 
ATOM   285 C CG  . ASP A 1 36  ? -17.823 -13.901 -11.010 1.00 114.02 ? 515 ASP A CG  1 
ATOM   286 O OD1 . ASP A 1 36  ? -18.544 -13.747 -10.002 1.00 114.02 ? 515 ASP A OD1 1 
ATOM   287 O OD2 . ASP A 1 36  ? -17.943 -14.868 -11.791 1.00 114.02 ? 515 ASP A OD2 1 
ATOM   288 N N   . SER A 1 37  ? -15.529 -10.226 -12.184 1.00 69.98  ? 516 SER A N   1 
ATOM   289 C CA  . SER A 1 37  ? -14.393 -9.337  -12.362 1.00 69.98  ? 516 SER A CA  1 
ATOM   290 C C   . SER A 1 37  ? -14.622 -8.016  -11.634 1.00 69.98  ? 516 SER A C   1 
ATOM   291 O O   . SER A 1 37  ? -13.730 -7.501  -10.955 1.00 69.98  ? 516 SER A O   1 
ATOM   292 C CB  . SER A 1 37  ? -14.155 -9.085  -13.849 1.00 90.25  ? 516 SER A CB  1 
ATOM   293 O OG  . SER A 1 37  ? -13.885 -10.301 -14.518 1.00 90.25  ? 516 SER A OG  1 
ATOM   294 N N   . LEU A 1 38  ? -15.823 -7.464  -11.768 1.00 59.30  ? 517 LEU A N   1 
ATOM   295 C CA  . LEU A 1 38  ? -16.138 -6.209  -11.103 1.00 59.30  ? 517 LEU A CA  1 
ATOM   296 C C   . LEU A 1 38  ? -16.038 -6.402  -9.584  1.00 59.30  ? 517 LEU A C   1 
ATOM   297 O O   . LEU A 1 38  ? -15.404 -5.611  -8.883  1.00 59.30  ? 517 LEU A O   1 
ATOM   298 C CB  . LEU A 1 38  ? -17.542 -5.745  -11.507 1.00 53.16  ? 517 LEU A CB  1 
ATOM   299 C CG  . LEU A 1 38  ? -17.720 -4.413  -12.273 1.00 53.16  ? 517 LEU A CG  1 
ATOM   300 C CD1 . LEU A 1 38  ? -16.392 -3.714  -12.551 1.00 53.16  ? 517 LEU A CD1 1 
ATOM   301 C CD2 . LEU A 1 38  ? -18.461 -4.691  -13.579 1.00 53.16  ? 517 LEU A CD2 1 
ATOM   302 N N   . GLU A 1 39  ? -16.643 -7.476  -9.086  1.00 73.80  ? 518 GLU A N   1 
ATOM   303 C CA  . GLU A 1 39  ? -16.628 -7.775  -7.660  1.00 73.80  ? 518 GLU A CA  1 
ATOM   304 C C   . GLU A 1 39  ? -15.209 -7.909  -7.125  1.00 73.80  ? 518 GLU A C   1 
ATOM   305 O O   . GLU A 1 39  ? -14.966 -7.661  -5.947  1.00 73.80  ? 518 GLU A O   1 
ATOM   306 C CB  . GLU A 1 39  ? -17.409 -9.057  -7.388  1.00 156.95 ? 518 GLU A CB  1 
ATOM   307 C CG  . GLU A 1 39  ? -17.610 -9.361  -5.923  1.00 156.95 ? 518 GLU A CG  1 
ATOM   308 C CD  . GLU A 1 39  ? -18.483 -10.578 -5.713  1.00 156.95 ? 518 GLU A CD  1 
ATOM   309 O OE1 . GLU A 1 39  ? -19.637 -10.572 -6.194  1.00 156.95 ? 518 GLU A OE1 1 
ATOM   310 O OE2 . GLU A 1 39  ? -18.016 -11.543 -5.071  1.00 156.95 ? 518 GLU A OE2 1 
ATOM   311 N N   . ARG A 1 40  ? -14.272 -8.302  -7.984  1.00 85.09  ? 519 ARG A N   1 
ATOM   312 C CA  . ARG A 1 40  ? -12.883 -8.441  -7.562  1.00 85.09  ? 519 ARG A CA  1 
ATOM   313 C C   . ARG A 1 40  ? -12.151 -7.105  -7.615  1.00 85.09  ? 519 ARG A C   1 
ATOM   314 O O   . ARG A 1 40  ? -11.638 -6.644  -6.601  1.00 85.09  ? 519 ARG A O   1 
ATOM   315 C CB  . ARG A 1 40  ? -12.119 -9.435  -8.439  1.00 137.07 ? 519 ARG A CB  1 
ATOM   316 C CG  . ARG A 1 40  ? -12.604 -10.864 -8.392  1.00 137.07 ? 519 ARG A CG  1 
ATOM   317 C CD  . ARG A 1 40  ? -11.576 -11.785 -9.038  1.00 137.07 ? 519 ARG A CD  1 
ATOM   318 N NE  . ARG A 1 40  ? -12.194 -12.947 -9.672  1.00 137.07 ? 519 ARG A NE  1 
ATOM   319 C CZ  . ARG A 1 40  ? -12.820 -12.919 -10.848 1.00 137.07 ? 519 ARG A CZ  1 
ATOM   320 N NH1 . ARG A 1 40  ? -12.908 -11.786 -11.532 1.00 137.07 ? 519 ARG A NH1 1 
ATOM   321 N NH2 . ARG A 1 40  ? -13.371 -14.023 -11.339 1.00 137.07 ? 519 ARG A NH2 1 
ATOM   322 N N   . ILE A 1 41  ? -12.095 -6.488  -8.796  1.00 66.72  ? 520 ILE A N   1 
ATOM   323 C CA  . ILE A 1 41  ? -11.394 -5.207  -8.966  1.00 66.72  ? 520 ILE A CA  1 
ATOM   324 C C   . ILE A 1 41  ? -11.856 -4.182  -7.942  1.00 66.72  ? 520 ILE A C   1 
ATOM   325 O O   . ILE A 1 41  ? -11.179 -3.184  -7.704  1.00 66.72  ? 520 ILE A O   1 
ATOM   326 C CB  . ILE A 1 41  ? -11.601 -4.607  -10.382 1.00 65.05  ? 520 ILE A CB  1 
ATOM   327 C CG1 . ILE A 1 41  ? -10.611 -3.464  -10.607 1.00 65.05  ? 520 ILE A CG1 1 
ATOM   328 C CG2 . ILE A 1 41  ? -13.025 -4.077  -10.532 1.00 65.05  ? 520 ILE A CG2 1 
ATOM   329 C CD1 . ILE A 1 41  ? -10.722 -2.807  -11.968 1.00 65.05  ? 520 ILE A CD1 1 
ATOM   330 N N   . SER A 1 42  ? -13.017 -4.431  -7.343  1.00 63.46  ? 521 SER A N   1 
ATOM   331 C CA  . SER A 1 42  ? -13.558 -3.531  -6.337  1.00 63.46  ? 521 SER A CA  1 
ATOM   332 C C   . SER A 1 42  ? -13.027 -3.976  -4.989  1.00 63.46  ? 521 SER A C   1 
ATOM   333 O O   . SER A 1 42  ? -12.490 -3.184  -4.221  1.00 63.46  ? 521 SER A O   1 
ATOM   334 C CB  . SER A 1 42  ? -15.083 -3.591  -6.341  1.00 81.59  ? 521 SER A CB  1 
ATOM   335 O OG  . SER A 1 42  ? -15.619 -2.738  -5.349  1.00 81.59  ? 521 SER A OG  1 
ATOM   336 N N   . ASP A 1 43  ? -13.186 -5.262  -4.716  1.00 114.66 ? 522 ASP A N   1 
ATOM   337 C CA  . ASP A 1 43  ? -12.723 -5.847  -3.473  1.00 114.66 ? 522 ASP A CA  1 
ATOM   338 C C   . ASP A 1 43  ? -11.239 -5.505  -3.284  1.00 114.66 ? 522 ASP A C   1 
ATOM   339 O O   . ASP A 1 43  ? -10.814 -5.128  -2.196  1.00 114.66 ? 522 ASP A O   1 
ATOM   340 C CB  . ASP A 1 43  ? -12.920 -7.361  -3.536  1.00 156.64 ? 522 ASP A CB  1 
ATOM   341 C CG  . ASP A 1 43  ? -13.018 -7.997  -2.172  1.00 156.64 ? 522 ASP A CG  1 
ATOM   342 O OD1 . ASP A 1 43  ? -12.053 -7.882  -1.387  1.00 156.64 ? 522 ASP A OD1 1 
ATOM   343 O OD2 . ASP A 1 43  ? -14.065 -8.617  -1.888  1.00 156.64 ? 522 ASP A OD2 1 
ATOM   344 N N   . GLN A 1 44  ? -10.459 -5.623  -4.357  1.00 106.93 ? 523 GLN A N   1 
ATOM   345 C CA  . GLN A 1 44  ? -9.030  -5.337  -4.303  1.00 106.93 ? 523 GLN A CA  1 
ATOM   346 C C   . GLN A 1 44  ? -8.780  -3.852  -4.127  1.00 106.93 ? 523 GLN A C   1 
ATOM   347 O O   . GLN A 1 44  ? -7.909  -3.448  -3.365  1.00 106.93 ? 523 GLN A O   1 
ATOM   348 C CB  . GLN A 1 44  ? -8.334  -5.813  -5.582  1.00 165.02 ? 523 GLN A CB  1 
ATOM   349 C CG  . GLN A 1 44  ? -8.429  -7.310  -5.840  1.00 165.02 ? 523 GLN A CG  1 
ATOM   350 C CD  . GLN A 1 44  ? -7.844  -8.147  -4.715  1.00 165.02 ? 523 GLN A CD  1 
ATOM   351 O OE1 . GLN A 1 44  ? -6.693  -7.963  -4.318  1.00 165.02 ? 523 GLN A OE1 1 
ATOM   352 N NE2 . GLN A 1 44  ? -8.635  -9.082  -4.202  1.00 165.02 ? 523 GLN A NE2 1 
ATOM   353 N N   . GLY A 1 45  ? -9.552  -3.039  -4.834  1.00 92.74  ? 524 GLY A N   1 
ATOM   354 C CA  . GLY A 1 45  ? -9.379  -1.600  -4.741  1.00 92.74  ? 524 GLY A CA  1 
ATOM   355 C C   . GLY A 1 45  ? -9.662  -0.998  -3.376  1.00 92.74  ? 524 GLY A C   1 
ATOM   356 O O   . GLY A 1 45  ? -9.082  0.021   -3.005  1.00 92.74  ? 524 GLY A O   1 
ATOM   357 N N   . GLN A 1 46  ? -10.555 -1.619  -2.619  1.00 104.08 ? 525 GLN A N   1 
ATOM   358 C CA  . GLN A 1 46  ? -10.882 -1.099  -1.309  1.00 104.08 ? 525 GLN A CA  1 
ATOM   359 C C   . GLN A 1 46  ? -9.846  -1.510  -0.271  1.00 104.08 ? 525 GLN A C   1 
ATOM   360 O O   . GLN A 1 46  ? -9.708  -0.860  0.767   1.00 104.08 ? 525 GLN A O   1 
ATOM   361 C CB  . GLN A 1 46  ? -12.268 -1.573  -0.894  1.00 145.83 ? 525 GLN A CB  1 
ATOM   362 C CG  . GLN A 1 46  ? -12.738 -0.980  0.408   1.00 145.83 ? 525 GLN A CG  1 
ATOM   363 C CD  . GLN A 1 46  ? -14.149 -0.450  0.319   1.00 145.83 ? 525 GLN A CD  1 
ATOM   364 O OE1 . GLN A 1 46  ? -14.414 0.536   -0.374  1.00 145.83 ? 525 GLN A OE1 1 
ATOM   365 N NE2 . GLN A 1 46  ? -15.072 -1.107  1.015   1.00 145.83 ? 525 GLN A NE2 1 
ATOM   366 N N   . ARG A 1 47  ? -9.112  -2.586  -0.544  1.00 88.16  ? 526 ARG A N   1 
ATOM   367 C CA  . ARG A 1 47  ? -8.094  -3.034  0.396   1.00 88.16  ? 526 ARG A CA  1 
ATOM   368 C C   . ARG A 1 47  ? -6.800  -2.277  0.127   1.00 88.16  ? 526 ARG A C   1 
ATOM   369 O O   . ARG A 1 47  ? -6.004  -2.070  1.037   1.00 88.16  ? 526 ARG A O   1 
ATOM   370 C CB  . ARG A 1 47  ? -7.850  -4.540  0.280   1.00 145.75 ? 526 ARG A CB  1 
ATOM   371 C CG  . ARG A 1 47  ? -6.863  -4.935  -0.800  1.00 145.75 ? 526 ARG A CG  1 
ATOM   372 C CD  . ARG A 1 47  ? -6.735  -6.439  -0.890  1.00 145.75 ? 526 ARG A CD  1 
ATOM   373 N NE  . ARG A 1 47  ? -8.046  -7.068  -1.031  1.00 145.75 ? 526 ARG A NE  1 
ATOM   374 C CZ  . ARG A 1 47  ? -8.237  -8.336  -1.379  1.00 145.75 ? 526 ARG A CZ  1 
ATOM   375 N NH1 . ARG A 1 47  ? -7.197  -9.121  -1.627  1.00 145.75 ? 526 ARG A NH1 1 
ATOM   376 N NH2 . ARG A 1 47  ? -9.468  -8.819  -1.483  1.00 145.75 ? 526 ARG A NH2 1 
ATOM   377 N N   . LYS A 1 48  ? -6.581  -1.868  -1.120  1.00 77.87  ? 527 LYS A N   1 
ATOM   378 C CA  . LYS A 1 48  ? -5.375  -1.117  -1.442  1.00 77.87  ? 527 LYS A CA  1 
ATOM   379 C C   . LYS A 1 48  ? -5.469  0.251   -0.785  1.00 77.87  ? 527 LYS A C   1 
ATOM   380 O O   . LYS A 1 48  ? -4.471  0.801   -0.320  1.00 77.87  ? 527 LYS A O   1 
ATOM   381 C CB  . LYS A 1 48  ? -5.211  -0.967  -2.951  1.00 123.07 ? 527 LYS A CB  1 
ATOM   382 C CG  . LYS A 1 48  ? -4.642  -2.202  -3.606  1.00 123.07 ? 527 LYS A CG  1 
ATOM   383 C CD  . LYS A 1 48  ? -4.011  -1.858  -4.931  1.00 123.07 ? 527 LYS A CD  1 
ATOM   384 C CE  . LYS A 1 48  ? -3.117  -2.982  -5.405  1.00 123.07 ? 527 LYS A CE  1 
ATOM   385 N NZ  . LYS A 1 48  ? -2.271  -2.555  -6.553  1.00 123.07 ? 527 LYS A NZ  1 
ATOM   386 N N   . THR A 1 49  ? -6.682  0.788   -0.748  1.00 79.69  ? 528 THR A N   1 
ATOM   387 C CA  . THR A 1 49  ? -6.941  2.072   -0.117  1.00 79.69  ? 528 THR A CA  1 
ATOM   388 C C   . THR A 1 49  ? -6.593  1.965   1.369   1.00 79.69  ? 528 THR A C   1 
ATOM   389 O O   . THR A 1 49  ? -6.125  2.920   1.977   1.00 79.69  ? 528 THR A O   1 
ATOM   390 C CB  . THR A 1 49  ? -8.421  2.459   -0.281  1.00 74.29  ? 528 THR A CB  1 
ATOM   391 O OG1 . THR A 1 49  ? -8.659  2.810   -1.645  1.00 74.29  ? 528 THR A OG1 1 
ATOM   392 C CG2 . THR A 1 49  ? -8.788  3.633   0.603   1.00 74.29  ? 528 THR A CG2 1 
ATOM   393 N N   . GLN A 1 50  ? -6.823  0.794   1.949   1.00 78.61  ? 529 GLN A N   1 
ATOM   394 C CA  . GLN A 1 50  ? -6.515  0.576   3.353   1.00 78.61  ? 529 GLN A CA  1 
ATOM   395 C C   . GLN A 1 50  ? -5.016  0.514   3.596   1.00 78.61  ? 529 GLN A C   1 
ATOM   396 O O   . GLN A 1 50  ? -4.471  1.330   4.329   1.00 78.61  ? 529 GLN A O   1 
ATOM   397 C CB  . GLN A 1 50  ? -7.163  -0.712  3.841   1.00 104.47 ? 529 GLN A CB  1 
ATOM   398 C CG  . GLN A 1 50  ? -8.473  -0.464  4.501   1.00 104.47 ? 529 GLN A CG  1 
ATOM   399 C CD  . GLN A 1 50  ? -8.347  0.612   5.544   1.00 104.47 ? 529 GLN A CD  1 
ATOM   400 O OE1 . GLN A 1 50  ? -7.451  0.566   6.392   1.00 104.47 ? 529 GLN A OE1 1 
ATOM   401 N NE2 . GLN A 1 50  ? -9.237  1.596   5.491   1.00 104.47 ? 529 GLN A NE2 1 
ATOM   402 N N   . GLU A 1 51  ? -4.351  -0.458  2.982   1.00 79.03  ? 530 GLU A N   1 
ATOM   403 C CA  . GLU A 1 51  ? -2.916  -0.605  3.140   1.00 79.03  ? 530 GLU A CA  1 
ATOM   404 C C   . GLU A 1 51  ? -2.264  0.764   3.101   1.00 79.03  ? 530 GLU A C   1 
ATOM   405 O O   . GLU A 1 51  ? -1.439  1.089   3.950   1.00 79.03  ? 530 GLU A O   1 
ATOM   406 C CB  . GLU A 1 51  ? -2.349  -1.463  2.020   1.00 129.32 ? 530 GLU A CB  1 
ATOM   407 C CG  . GLU A 1 51  ? -3.104  -2.747  1.808   1.00 129.32 ? 530 GLU A CG  1 
ATOM   408 C CD  . GLU A 1 51  ? -2.552  -3.537  0.651   1.00 129.32 ? 530 GLU A CD  1 
ATOM   409 O OE1 . GLU A 1 51  ? -3.236  -4.481  0.193   1.00 129.32 ? 530 GLU A OE1 1 
ATOM   410 O OE2 . GLU A 1 51  ? -1.429  -3.211  0.205   1.00 129.32 ? 530 GLU A OE2 1 
ATOM   411 N N   . GLN A 1 52  ? -2.645  1.567   2.116   1.00 70.77  ? 531 GLN A N   1 
ATOM   412 C CA  . GLN A 1 52  ? -2.093  2.906   1.970   1.00 70.77  ? 531 GLN A CA  1 
ATOM   413 C C   . GLN A 1 52  ? -2.305  3.730   3.249   1.00 70.77  ? 531 GLN A C   1 
ATOM   414 O O   . GLN A 1 52  ? -1.345  4.271   3.824   1.00 70.77  ? 531 GLN A O   1 
ATOM   415 C CB  . GLN A 1 52  ? -2.743  3.592   0.770   1.00 78.34  ? 531 GLN A CB  1 
ATOM   416 C CG  . GLN A 1 52  ? -2.117  4.908   0.375   1.00 78.34  ? 531 GLN A CG  1 
ATOM   417 C CD  . GLN A 1 52  ? -0.614  4.820   0.313   1.00 78.34  ? 531 GLN A CD  1 
ATOM   418 O OE1 . GLN A 1 52  ? -0.061  3.805   -0.106  1.00 78.34  ? 531 GLN A OE1 1 
ATOM   419 N NE2 . GLN A 1 52  ? 0.061   5.888   0.722   1.00 78.34  ? 531 GLN A NE2 1 
ATOM   420 N N   . LEU A 1 53  ? -3.553  3.821   3.706   1.00 64.12  ? 532 LEU A N   1 
ATOM   421 C CA  . LEU A 1 53  ? -3.845  4.566   4.928   1.00 64.12  ? 532 LEU A CA  1 
ATOM   422 C C   . LEU A 1 53  ? -2.983  4.055   6.091   1.00 64.12  ? 532 LEU A C   1 
ATOM   423 O O   . LEU A 1 53  ? -2.563  4.838   6.937   1.00 64.12  ? 532 LEU A O   1 
ATOM   424 C CB  . LEU A 1 53  ? -5.327  4.446   5.285   1.00 52.16  ? 532 LEU A CB  1 
ATOM   425 C CG  . LEU A 1 53  ? -6.301  5.011   4.245   1.00 52.16  ? 532 LEU A CG  1 
ATOM   426 C CD1 . LEU A 1 53  ? -7.715  4.529   4.545   1.00 52.16  ? 532 LEU A CD1 1 
ATOM   427 C CD2 . LEU A 1 53  ? -6.247  6.524   4.241   1.00 52.16  ? 532 LEU A CD2 1 
ATOM   428 N N   . GLU A 1 54  ? -2.718  2.750   6.118   1.00 53.07  ? 533 GLU A N   1 
ATOM   429 C CA  . GLU A 1 54  ? -1.906  2.142   7.164   1.00 53.07  ? 533 GLU A CA  1 
ATOM   430 C C   . GLU A 1 54  ? -0.422  2.432   6.935   1.00 53.07  ? 533 GLU A C   1 
ATOM   431 O O   . GLU A 1 54  ? 0.380   2.460   7.888   1.00 53.07  ? 533 GLU A O   1 
ATOM   432 C CB  . GLU A 1 54  ? -2.144  0.634   7.219   1.00 120.45 ? 533 GLU A CB  1 
ATOM   433 C CG  . GLU A 1 54  ? -3.571  0.272   7.584   1.00 120.45 ? 533 GLU A CG  1 
ATOM   434 C CD  . GLU A 1 54  ? -3.804  -1.219  7.647   1.00 120.45 ? 533 GLU A CD  1 
ATOM   435 O OE1 . GLU A 1 54  ? -3.575  -1.909  6.629   1.00 120.45 ? 533 GLU A OE1 1 
ATOM   436 O OE2 . GLU A 1 54  ? -4.225  -1.698  8.720   1.00 120.45 ? 533 GLU A OE2 1 
ATOM   437 N N   . VAL A 1 55  ? -0.040  2.656   5.677   1.00 58.72  ? 534 VAL A N   1 
ATOM   438 C CA  . VAL A 1 55  ? 1.358   2.964   5.371   1.00 58.72  ? 534 VAL A CA  1 
ATOM   439 C C   . VAL A 1 55  ? 1.630   4.399   5.788   1.00 58.72  ? 534 VAL A C   1 
ATOM   440 O O   . VAL A 1 55  ? 2.650   4.703   6.393   1.00 58.72  ? 534 VAL A O   1 
ATOM   441 C CB  . VAL A 1 55  ? 1.653   2.814   3.871   1.00 63.07  ? 534 VAL A CB  1 
ATOM   442 C CG1 . VAL A 1 55  ? 3.070   3.245   3.572   1.00 63.07  ? 534 VAL A CG1 1 
ATOM   443 C CG2 . VAL A 1 55  ? 1.464   1.381   3.467   1.00 63.07  ? 534 VAL A CG2 1 
ATOM   444 N N   . LEU A 1 56  ? 0.685   5.272   5.465   1.00 69.18  ? 535 LEU A N   1 
ATOM   445 C CA  . LEU A 1 56  ? 0.799   6.679   5.798   1.00 69.18  ? 535 LEU A CA  1 
ATOM   446 C C   . LEU A 1 56  ? 0.805   6.898   7.309   1.00 69.18  ? 535 LEU A C   1 
ATOM   447 O O   . LEU A 1 56  ? 1.561   7.724   7.821   1.00 69.18  ? 535 LEU A O   1 
ATOM   448 C CB  . LEU A 1 56  ? -0.349  7.447   5.149   1.00 84.19  ? 535 LEU A CB  1 
ATOM   449 C CG  . LEU A 1 56  ? -0.459  8.921   5.518   1.00 84.19  ? 535 LEU A CG  1 
ATOM   450 C CD1 . LEU A 1 56  ? -0.939  9.688   4.314   1.00 84.19  ? 535 LEU A CD1 1 
ATOM   451 C CD2 . LEU A 1 56  ? -1.412  9.098   6.696   1.00 84.19  ? 535 LEU A CD2 1 
ATOM   452 N N   . GLU A 1 57  ? -0.042  6.157   8.016   1.00 64.20  ? 536 GLU A N   1 
ATOM   453 C CA  . GLU A 1 57  ? -0.120  6.278   9.461   1.00 64.20  ? 536 GLU A CA  1 
ATOM   454 C C   . GLU A 1 57  ? 1.182   5.812   10.074  1.00 64.20  ? 536 GLU A C   1 
ATOM   455 O O   . GLU A 1 57  ? 1.782   6.505   10.891  1.00 64.20  ? 536 GLU A O   1 
ATOM   456 C CB  . GLU A 1 57  ? -1.255  5.430   10.012  1.00 97.00  ? 536 GLU A CB  1 
ATOM   457 C CG  . GLU A 1 57  ? -1.410  5.560   11.510  1.00 97.00  ? 536 GLU A CG  1 
ATOM   458 C CD  . GLU A 1 57  ? -1.393  7.011   11.955  1.00 97.00  ? 536 GLU A CD  1 
ATOM   459 O OE1 . GLU A 1 57  ? -1.702  7.895   11.118  1.00 97.00  ? 536 GLU A OE1 1 
ATOM   460 O OE2 . GLU A 1 57  ? -1.079  7.263   13.141  1.00 97.00  ? 536 GLU A OE2 1 
ATOM   461 N N   . SER A 1 58  ? 1.617   4.624   9.675   1.00 57.94  ? 537 SER A N   1 
ATOM   462 C CA  . SER A 1 58  ? 2.860   4.062   10.174  1.00 57.94  ? 537 SER A CA  1 
ATOM   463 C C   . SER A 1 58  ? 4.040   5.001   9.898   1.00 57.94  ? 537 SER A C   1 
ATOM   464 O O   . SER A 1 58  ? 4.885   5.241   10.770  1.00 57.94  ? 537 SER A O   1 
ATOM   465 C CB  . SER A 1 58  ? 3.107   2.714   9.512   1.00 64.50  ? 537 SER A CB  1 
ATOM   466 O OG  . SER A 1 58  ? 4.400   2.243   9.839   1.00 64.50  ? 537 SER A OG  1 
ATOM   467 N N   . LEU A 1 59  ? 4.092   5.526   8.676   1.00 54.29  ? 538 LEU A N   1 
ATOM   468 C CA  . LEU A 1 59  ? 5.150   6.441   8.255   1.00 54.29  ? 538 LEU A CA  1 
ATOM   469 C C   . LEU A 1 59  ? 5.278   7.600   9.242   1.00 54.29  ? 538 LEU A C   1 
ATOM   470 O O   . LEU A 1 59  ? 6.375   7.908   9.693   1.00 54.29  ? 538 LEU A O   1 
ATOM   471 C CB  . LEU A 1 59  ? 4.841   6.955   6.848   1.00 62.74  ? 538 LEU A CB  1 
ATOM   472 C CG  . LEU A 1 59  ? 6.023   7.381   5.990   1.00 62.74  ? 538 LEU A CG  1 
ATOM   473 C CD1 . LEU A 1 59  ? 7.158   6.404   6.141   1.00 62.74  ? 538 LEU A CD1 1 
ATOM   474 C CD2 . LEU A 1 59  ? 5.582   7.441   4.547   1.00 62.74  ? 538 LEU A CD2 1 
ATOM   475 N N   . LYS A 1 60  ? 4.156   8.228   9.590   1.00 59.97  ? 539 LYS A N   1 
ATOM   476 C CA  . LYS A 1 60  ? 4.177   9.325   10.550  1.00 59.97  ? 539 LYS A CA  1 
ATOM   477 C C   . LYS A 1 60  ? 4.728   8.807   11.873  1.00 59.97  ? 539 LYS A C   1 
ATOM   478 O O   . LYS A 1 60  ? 5.611   9.426   12.476  1.00 59.97  ? 539 LYS A O   1 
ATOM   479 C CB  . LYS A 1 60  ? 2.773   9.872   10.768  1.00 81.94  ? 539 LYS A CB  1 
ATOM   480 C CG  . LYS A 1 60  ? 2.138   10.419  9.516   1.00 81.94  ? 539 LYS A CG  1 
ATOM   481 C CD  . LYS A 1 60  ? 0.690   10.766  9.762   1.00 81.94  ? 539 LYS A CD  1 
ATOM   482 C CE  . LYS A 1 60  ? 0.048   11.372  8.532   1.00 81.94  ? 539 LYS A CE  1 
ATOM   483 N NZ  . LYS A 1 60  ? -1.413  11.649  8.732   1.00 81.94  ? 539 LYS A NZ  1 
ATOM   484 N N   . GLN A 1 61  ? 4.196   7.670   12.319  1.00 55.99  ? 540 GLN A N   1 
ATOM   485 C CA  . GLN A 1 61  ? 4.630   7.031   13.556  1.00 55.99  ? 540 GLN A CA  1 
ATOM   486 C C   . GLN A 1 61  ? 6.153   6.833   13.558  1.00 55.99  ? 540 GLN A C   1 
ATOM   487 O O   . GLN A 1 61  ? 6.830   7.173   14.540  1.00 55.99  ? 540 GLN A O   1 
ATOM   488 C CB  . GLN A 1 61  ? 3.963   5.662   13.703  1.00 109.82 ? 540 GLN A CB  1 
ATOM   489 C CG  . GLN A 1 61  ? 3.206   5.459   14.991  1.00 109.82 ? 540 GLN A CG  1 
ATOM   490 C CD  . GLN A 1 61  ? 2.060   6.427   15.123  1.00 109.82 ? 540 GLN A CD  1 
ATOM   491 O OE1 . GLN A 1 61  ? 2.271   7.627   15.313  1.00 109.82 ? 540 GLN A OE1 1 
ATOM   492 N NE2 . GLN A 1 61  ? 0.833   5.919   15.005  1.00 109.82 ? 540 GLN A NE2 1 
ATOM   493 N N   . GLU A 1 62  ? 6.683   6.270   12.465  1.00 61.06  ? 541 GLU A N   1 
ATOM   494 C CA  . GLU A 1 62  ? 8.116   6.015   12.342  1.00 61.06  ? 541 GLU A CA  1 
ATOM   495 C C   . GLU A 1 62  ? 8.932   7.303   12.452  1.00 61.06  ? 541 GLU A C   1 
ATOM   496 O O   . GLU A 1 62  ? 9.892   7.378   13.223  1.00 61.06  ? 541 GLU A O   1 
ATOM   497 C CB  . GLU A 1 62  ? 8.413   5.326   11.015  1.00 118.52 ? 541 GLU A CB  1 
ATOM   498 C CG  . GLU A 1 62  ? 7.976   3.885   10.980  1.00 118.52 ? 541 GLU A CG  1 
ATOM   499 C CD  . GLU A 1 62  ? 8.100   3.279   9.597   1.00 118.52 ? 541 GLU A CD  1 
ATOM   500 O OE1 . GLU A 1 62  ? 7.152   3.412   8.789   1.00 118.52 ? 541 GLU A OE1 1 
ATOM   501 O OE2 . GLU A 1 62  ? 9.158   2.678   9.312   1.00 118.52 ? 541 GLU A OE2 1 
ATOM   502 N N   . LEU A 1 63  ? 8.544   8.322   11.688  1.00 61.37  ? 542 LEU A N   1 
ATOM   503 C CA  . LEU A 1 63  ? 9.251   9.597   11.717  1.00 61.37  ? 542 LEU A CA  1 
ATOM   504 C C   . LEU A 1 63  ? 9.245   10.198  13.109  1.00 61.37  ? 542 LEU A C   1 
ATOM   505 O O   . LEU A 1 63  ? 10.277  10.662  13.582  1.00 61.37  ? 542 LEU A O   1 
ATOM   506 C CB  . LEU A 1 63  ? 8.622   10.591  10.739  1.00 49.93  ? 542 LEU A CB  1 
ATOM   507 C CG  . LEU A 1 63  ? 9.235   11.991  10.708  1.00 49.93  ? 542 LEU A CG  1 
ATOM   508 C CD1 . LEU A 1 63  ? 10.738  11.890  10.673  1.00 49.93  ? 542 LEU A CD1 1 
ATOM   509 C CD2 . LEU A 1 63  ? 8.733   12.743  9.493   1.00 49.93  ? 542 LEU A CD2 1 
ATOM   510 N N   . ALA A 1 64  ? 8.081   10.188  13.757  1.00 61.03  ? 543 ALA A N   1 
ATOM   511 C CA  . ALA A 1 64  ? 7.933   10.742  15.102  1.00 61.03  ? 543 ALA A CA  1 
ATOM   512 C C   . ALA A 1 64  ? 8.860   10.049  16.069  1.00 61.03  ? 543 ALA A C   1 
ATOM   513 O O   . ALA A 1 64  ? 9.495   10.692  16.904  1.00 61.03  ? 543 ALA A O   1 
ATOM   514 C CB  . ALA A 1 64  ? 6.522   10.588  15.576  1.00 63.36  ? 543 ALA A CB  1 
ATOM   515 N N   . THR A 1 65  ? 8.938   8.730   15.963  1.00 58.42  ? 544 THR A N   1 
ATOM   516 C CA  . THR A 1 65  ? 9.818   7.984   16.848  1.00 58.42  ? 544 THR A CA  1 
ATOM   517 C C   . THR A 1 65  ? 11.269  8.377   16.587  1.00 58.42  ? 544 THR A C   1 
ATOM   518 O O   . THR A 1 65  ? 12.009  8.706   17.520  1.00 58.42  ? 544 THR A O   1 
ATOM   519 C CB  . THR A 1 65  ? 9.666   6.465   16.653  1.00 67.03  ? 544 THR A CB  1 
ATOM   520 O OG1 . THR A 1 65  ? 8.332   6.070   16.998  1.00 67.03  ? 544 THR A OG1 1 
ATOM   521 C CG2 . THR A 1 65  ? 10.664  5.723   17.529  1.00 67.03  ? 544 THR A CG2 1 
ATOM   522 N N   . SER A 1 66  ? 11.667  8.351   15.315  1.00 53.42  ? 545 SER A N   1 
ATOM   523 C CA  . SER A 1 66  ? 13.030  8.702   14.931  1.00 53.42  ? 545 SER A CA  1 
ATOM   524 C C   . SER A 1 66  ? 13.399  10.065  15.502  1.00 53.42  ? 545 SER A C   1 
ATOM   525 O O   . SER A 1 66  ? 14.525  10.274  15.954  1.00 53.42  ? 545 SER A O   1 
ATOM   526 C CB  . SER A 1 66  ? 13.162  8.733   13.417  1.00 60.98  ? 545 SER A CB  1 
ATOM   527 O OG  . SER A 1 66  ? 14.530  8.784   13.075  1.00 60.98  ? 545 SER A OG  1 
ATOM   528 N N   . GLN A 1 67  ? 12.446  10.994  15.482  1.00 54.46  ? 546 GLN A N   1 
ATOM   529 C CA  . GLN A 1 67  ? 12.689  12.315  16.034  1.00 54.46  ? 546 GLN A CA  1 
ATOM   530 C C   . GLN A 1 67  ? 12.972  12.224  17.530  1.00 54.46  ? 546 GLN A C   1 
ATOM   531 O O   . GLN A 1 67  ? 13.980  12.765  17.991  1.00 54.46  ? 546 GLN A O   1 
ATOM   532 C CB  . GLN A 1 67  ? 11.514  13.238  15.744  1.00 106.39 ? 546 GLN A CB  1 
ATOM   533 C CG  . GLN A 1 67  ? 11.480  13.614  14.283  1.00 106.39 ? 546 GLN A CG  1 
ATOM   534 C CD  . GLN A 1 67  ? 12.852  14.060  13.784  1.00 106.39 ? 546 GLN A CD  1 
ATOM   535 O OE1 . GLN A 1 67  ? 13.360  15.106  14.183  1.00 106.39 ? 546 GLN A OE1 1 
ATOM   536 N NE2 . GLN A 1 67  ? 13.461  13.256  12.921  1.00 106.39 ? 546 GLN A NE2 1 
ATOM   537 N N   . ARG A 1 68  ? 12.113  11.532  18.284  1.00 60.29  ? 547 ARG A N   1 
ATOM   538 C CA  . ARG A 1 68  ? 12.339  11.370  19.718  1.00 60.29  ? 547 ARG A CA  1 
ATOM   539 C C   . ARG A 1 68  ? 13.720  10.752  19.953  1.00 60.29  ? 547 ARG A C   1 
ATOM   540 O O   . ARG A 1 68  ? 14.485  11.242  20.785  1.00 60.29  ? 547 ARG A O   1 
ATOM   541 C CB  . ARG A 1 68  ? 11.262  10.484  20.337  1.00 112.01 ? 547 ARG A CB  1 
ATOM   542 C CG  . ARG A 1 68  ? 9.917   11.158  20.443  1.00 112.01 ? 547 ARG A CG  1 
ATOM   543 C CD  . ARG A 1 68  ? 8.847   10.182  20.898  1.00 112.01 ? 547 ARG A CD  1 
ATOM   544 N NE  . ARG A 1 68  ? 7.876   9.877   19.843  1.00 112.01 ? 547 ARG A NE  1 
ATOM   545 C CZ  . ARG A 1 68  ? 7.624   8.655   19.373  1.00 112.01 ? 547 ARG A CZ  1 
ATOM   546 N NH1 . ARG A 1 68  ? 8.272   7.599   19.856  1.00 112.01 ? 547 ARG A NH1 1 
ATOM   547 N NH2 . ARG A 1 68  ? 6.719   8.484   18.415  1.00 112.01 ? 547 ARG A NH2 1 
ATOM   548 N N   . GLU A 1 69  ? 14.050  9.686   19.220  1.00 58.04  ? 548 GLU A N   1 
ATOM   549 C CA  . GLU A 1 69  ? 15.361  9.047   19.366  1.00 58.04  ? 548 GLU A CA  1 
ATOM   550 C C   . GLU A 1 69  ? 16.508  10.020  19.054  1.00 58.04  ? 548 GLU A C   1 
ATOM   551 O O   . GLU A 1 69  ? 17.474  10.114  19.816  1.00 58.04  ? 548 GLU A O   1 
ATOM   552 C CB  . GLU A 1 69  ? 15.454  7.814   18.467  1.00 98.03  ? 548 GLU A CB  1 
ATOM   553 C CG  . GLU A 1 69  ? 14.600  6.665   18.959  1.00 98.03  ? 548 GLU A CG  1 
ATOM   554 C CD  . GLU A 1 69  ? 14.454  5.551   17.946  1.00 98.03  ? 548 GLU A CD  1 
ATOM   555 O OE1 . GLU A 1 69  ? 13.859  5.793   16.876  1.00 98.03  ? 548 GLU A OE1 1 
ATOM   556 O OE2 . GLU A 1 69  ? 14.929  4.431   18.219  1.00 98.03  ? 548 GLU A OE2 1 
ATOM   557 N N   . LEU A 1 70  ? 16.404  10.753  17.947  1.00 67.71  ? 549 LEU A N   1 
ATOM   558 C CA  . LEU A 1 70  ? 17.444  11.712  17.592  1.00 67.71  ? 549 LEU A CA  1 
ATOM   559 C C   . LEU A 1 70  ? 17.644  12.734  18.688  1.00 67.71  ? 549 LEU A C   1 
ATOM   560 O O   . LEU A 1 70  ? 18.766  13.147  18.957  1.00 67.71  ? 549 LEU A O   1 
ATOM   561 C CB  . LEU A 1 70  ? 17.092  12.464  16.323  1.00 69.01  ? 549 LEU A CB  1 
ATOM   562 C CG  . LEU A 1 70  ? 17.774  11.969  15.058  1.00 69.01  ? 549 LEU A CG  1 
ATOM   563 C CD1 . LEU A 1 70  ? 17.336  12.855  13.900  1.00 69.01  ? 549 LEU A CD1 1 
ATOM   564 C CD2 . LEU A 1 70  ? 19.288  11.985  15.235  1.00 69.01  ? 549 LEU A CD2 1 
ATOM   565 N N   . GLN A 1 71  ? 16.554  13.156  19.313  1.00 55.61  ? 550 GLN A N   1 
ATOM   566 C CA  . GLN A 1 71  ? 16.657  14.143  20.369  1.00 55.61  ? 550 GLN A CA  1 
ATOM   567 C C   . GLN A 1 71  ? 17.368  13.560  21.584  1.00 55.61  ? 550 GLN A C   1 
ATOM   568 O O   . GLN A 1 71  ? 18.124  14.251  22.268  1.00 55.61  ? 550 GLN A O   1 
ATOM   569 C CB  . GLN A 1 71  ? 15.275  14.635  20.760  1.00 126.47 ? 550 GLN A CB  1 
ATOM   570 C CG  . GLN A 1 71  ? 15.315  15.819  21.668  1.00 126.47 ? 550 GLN A CG  1 
ATOM   571 C CD  . GLN A 1 71  ? 13.943  16.357  21.926  1.00 126.47 ? 550 GLN A CD  1 
ATOM   572 O OE1 . GLN A 1 71  ? 13.082  15.653  22.449  1.00 126.47 ? 550 GLN A OE1 1 
ATOM   573 N NE2 . GLN A 1 71  ? 13.716  17.611  21.554  1.00 126.47 ? 550 GLN A NE2 1 
ATOM   574 N N   . VAL A 1 72  ? 17.144  12.280  21.850  1.00 58.71  ? 551 VAL A N   1 
ATOM   575 C CA  . VAL A 1 72  ? 17.792  11.656  22.992  1.00 58.71  ? 551 VAL A CA  1 
ATOM   576 C C   . VAL A 1 72  ? 19.280  11.532  22.751  1.00 58.71  ? 551 VAL A C   1 
ATOM   577 O O   . VAL A 1 72  ? 20.065  11.763  23.665  1.00 58.71  ? 551 VAL A O   1 
ATOM   578 C CB  . VAL A 1 72  ? 17.214  10.266  23.295  1.00 77.59  ? 551 VAL A CB  1 
ATOM   579 C CG1 . VAL A 1 72  ? 18.054  9.584   24.351  1.00 77.59  ? 551 VAL A CG1 1 
ATOM   580 C CG2 . VAL A 1 72  ? 15.774  10.396  23.778  1.00 77.59  ? 551 VAL A CG2 1 
ATOM   581 N N   . LEU A 1 73  ? 19.684  11.164  21.539  1.00 49.85  ? 552 LEU A N   1 
ATOM   582 C CA  . LEU A 1 73  ? 21.119  11.063  21.267  1.00 49.85  ? 552 LEU A CA  1 
ATOM   583 C C   . LEU A 1 73  ? 21.798  12.429  21.349  1.00 49.85  ? 552 LEU A C   1 
ATOM   584 O O   . LEU A 1 73  ? 22.921  12.530  21.862  1.00 49.85  ? 552 LEU A O   1 
ATOM   585 C CB  . LEU A 1 73  ? 21.385  10.430  19.908  1.00 55.06  ? 552 LEU A CB  1 
ATOM   586 C CG  . LEU A 1 73  ? 20.925  8.975   19.846  1.00 55.06  ? 552 LEU A CG  1 
ATOM   587 C CD1 . LEU A 1 73  ? 21.722  8.247   18.765  1.00 55.06  ? 552 LEU A CD1 1 
ATOM   588 C CD2 . LEU A 1 73  ? 21.143  8.300   21.185  1.00 55.06  ? 552 LEU A CD2 1 
ATOM   589 N N   . GLN A 1 74  ? 21.118  13.472  20.863  1.00 58.27  ? 553 GLN A N   1 
ATOM   590 C CA  . GLN A 1 74  ? 21.673  14.815  20.927  1.00 58.27  ? 553 GLN A CA  1 
ATOM   591 C C   . GLN A 1 74  ? 22.020  15.134  22.378  1.00 58.27  ? 553 GLN A C   1 
ATOM   592 O O   . GLN A 1 74  ? 23.017  15.815  22.658  1.00 58.27  ? 553 GLN A O   1 
ATOM   593 C CB  . GLN A 1 74  ? 20.696  15.845  20.373  1.00 155.62 ? 553 GLN A CB  1 
ATOM   594 C CG  . GLN A 1 74  ? 21.127  16.376  19.027  1.00 155.62 ? 553 GLN A CG  1 
ATOM   595 C CD  . GLN A 1 74  ? 20.261  17.510  18.548  1.00 155.62 ? 553 GLN A CD  1 
ATOM   596 O OE1 . GLN A 1 74  ? 19.057  17.348  18.350  1.00 155.62 ? 553 GLN A OE1 1 
ATOM   597 N NE2 . GLN A 1 74  ? 20.869  18.676  18.358  1.00 155.62 ? 553 GLN A NE2 1 
ATOM   598 N N   . GLY A 1 75  ? 21.209  14.619  23.303  1.00 54.27  ? 554 GLY A N   1 
ATOM   599 C CA  . GLY A 1 75  ? 21.467  14.828  24.720  1.00 54.27  ? 554 GLY A CA  1 
ATOM   600 C C   . GLY A 1 75  ? 22.622  13.966  25.227  1.00 54.27  ? 554 GLY A C   1 
ATOM   601 O O   . GLY A 1 75  ? 23.455  14.424  26.014  1.00 54.27  ? 554 GLY A O   1 
ATOM   602 N N   . SER A 1 76  ? 22.677  12.710  24.793  1.00 70.12  ? 555 SER A N   1 
ATOM   603 C CA  . SER A 1 76  ? 23.758  11.832  25.218  1.00 70.12  ? 555 SER A CA  1 
ATOM   604 C C   . SER A 1 76  ? 25.091  12.402  24.748  1.00 70.12  ? 555 SER A C   1 
ATOM   605 O O   . SER A 1 76  ? 26.087  12.357  25.475  1.00 70.12  ? 555 SER A O   1 
ATOM   606 C CB  . SER A 1 76  ? 23.550  10.434  24.657  1.00 72.33  ? 555 SER A CB  1 
ATOM   607 O OG  . SER A 1 76  ? 22.405  9.858   25.249  1.00 72.33  ? 555 SER A OG  1 
ATOM   608 N N   . LEU A 1 77  ? 25.107  12.945  23.531  1.00 49.63  ? 556 LEU A N   1 
ATOM   609 C CA  . LEU A 1 77  ? 26.320  13.559  23.009  1.00 49.63  ? 556 LEU A CA  1 
ATOM   610 C C   . LEU A 1 77  ? 26.656  14.755  23.910  1.00 49.63  ? 556 LEU A C   1 
ATOM   611 O O   . LEU A 1 77  ? 27.801  14.924  24.342  1.00 49.63  ? 556 LEU A O   1 
ATOM   612 C CB  . LEU A 1 77  ? 26.110  14.015  21.570  1.00 65.12  ? 556 LEU A CB  1 
ATOM   613 C CG  . LEU A 1 77  ? 27.210  13.560  20.605  1.00 65.12  ? 556 LEU A CG  1 
ATOM   614 C CD1 . LEU A 1 77  ? 28.565  14.025  21.124  1.00 65.12  ? 556 LEU A CD1 1 
ATOM   615 C CD2 . LEU A 1 77  ? 27.207  12.051  20.469  1.00 65.12  ? 556 LEU A CD2 1 
ATOM   616 N N   . GLU A 1 78  ? 25.639  15.566  24.206  1.00 52.89  ? 557 GLU A N   1 
ATOM   617 C CA  . GLU A 1 78  ? 25.764  16.733  25.089  1.00 52.89  ? 557 GLU A CA  1 
ATOM   618 C C   . GLU A 1 78  ? 26.428  16.350  26.432  1.00 52.89  ? 557 GLU A C   1 
ATOM   619 O O   . GLU A 1 78  ? 27.399  16.976  26.867  1.00 52.89  ? 557 GLU A O   1 
ATOM   620 C CB  . GLU A 1 78  ? 24.371  17.312  25.354  1.00 170.02 ? 557 GLU A CB  1 
ATOM   621 C CG  . GLU A 1 78  ? 24.366  18.641  26.068  1.00 170.02 ? 557 GLU A CG  1 
ATOM   622 C CD  . GLU A 1 78  ? 24.977  19.731  25.223  1.00 170.02 ? 557 GLU A CD  1 
ATOM   623 O OE1 . GLU A 1 78  ? 24.494  19.927  24.088  1.00 170.02 ? 557 GLU A OE1 1 
ATOM   624 O OE2 . GLU A 1 78  ? 25.935  20.385  25.689  1.00 170.02 ? 557 GLU A OE2 1 
ATOM   625 N N   . THR A 1 79  ? 25.895  15.320  27.086  1.00 54.13  ? 558 THR A N   1 
ATOM   626 C CA  . THR A 1 79  ? 26.441  14.857  28.363  1.00 54.13  ? 558 THR A CA  1 
ATOM   627 C C   . THR A 1 79  ? 27.841  14.274  28.186  1.00 54.13  ? 558 THR A C   1 
ATOM   628 O O   . THR A 1 79  ? 28.778  14.656  28.894  1.00 54.13  ? 558 THR A O   1 
ATOM   629 C CB  . THR A 1 79  ? 25.533  13.782  29.011  1.00 62.92  ? 558 THR A CB  1 
ATOM   630 O OG1 . THR A 1 79  ? 24.347  14.404  29.517  1.00 62.92  ? 558 THR A OG1 1 
ATOM   631 C CG2 . THR A 1 79  ? 26.257  13.077  30.150  1.00 62.92  ? 558 THR A CG2 1 
ATOM   632 N N   . SER A 1 80  ? 27.984  13.340  27.252  1.00 65.90  ? 559 SER A N   1 
ATOM   633 C CA  . SER A 1 80  ? 29.290  12.748  27.018  1.00 65.90  ? 559 SER A CA  1 
ATOM   634 C C   . SER A 1 80  ? 30.288  13.891  26.817  1.00 65.90  ? 559 SER A C   1 
ATOM   635 O O   . SER A 1 80  ? 31.351  13.914  27.435  1.00 65.90  ? 559 SER A O   1 
ATOM   636 C CB  . SER A 1 80  ? 29.257  11.834  25.787  1.00 51.78  ? 559 SER A CB  1 
ATOM   637 O OG  . SER A 1 80  ? 30.459  11.081  25.676  1.00 51.78  ? 559 SER A OG  1 
ATOM   638 N N   . ALA A 1 81  ? 29.935  14.855  25.973  1.00 60.66  ? 560 ALA A N   1 
ATOM   639 C CA  . ALA A 1 81  ? 30.823  15.987  25.734  1.00 60.66  ? 560 ALA A CA  1 
ATOM   640 C C   . ALA A 1 81  ? 31.226  16.633  27.052  1.00 60.66  ? 560 ALA A C   1 
ATOM   641 O O   . ALA A 1 81  ? 32.424  16.820  27.329  1.00 60.66  ? 560 ALA A O   1 
ATOM   642 C CB  . ALA A 1 81  ? 30.149  16.996  24.868  1.00 49.98  ? 560 ALA A CB  1 
ATOM   643 N N   . GLN A 1 82  ? 30.226  16.983  27.861  1.00 45.77  ? 561 GLN A N   1 
ATOM   644 C CA  . GLN A 1 82  ? 30.504  17.584  29.158  1.00 45.77  ? 561 GLN A CA  1 
ATOM   645 C C   . GLN A 1 82  ? 31.433  16.676  29.974  1.00 45.77  ? 561 GLN A C   1 
ATOM   646 O O   . GLN A 1 82  ? 32.288  17.165  30.721  1.00 45.77  ? 561 GLN A O   1 
ATOM   647 C CB  . GLN A 1 82  ? 29.204  17.827  29.928  1.00 95.10  ? 561 GLN A CB  1 
ATOM   648 C CG  . GLN A 1 82  ? 29.432  18.450  31.295  1.00 95.10  ? 561 GLN A CG  1 
ATOM   649 C CD  . GLN A 1 82  ? 30.244  19.734  31.225  1.00 95.10  ? 561 GLN A CD  1 
ATOM   650 O OE1 . GLN A 1 82  ? 30.859  20.146  32.208  1.00 95.10  ? 561 GLN A OE1 1 
ATOM   651 N NE2 . GLN A 1 82  ? 30.239  20.380  30.062  1.00 95.10  ? 561 GLN A NE2 1 
ATOM   652 N N   . SER A 1 83  ? 31.288  15.360  29.820  1.00 52.60  ? 562 SER A N   1 
ATOM   653 C CA  . SER A 1 83  ? 32.129  14.436  30.563  1.00 52.60  ? 562 SER A CA  1 
ATOM   654 C C   . SER A 1 83  ? 33.569  14.484  30.108  1.00 52.60  ? 562 SER A C   1 
ATOM   655 O O   . SER A 1 83  ? 34.485  14.477  30.939  1.00 52.60  ? 562 SER A O   1 
ATOM   656 C CB  . SER A 1 83  ? 31.627  13.011  30.440  1.00 60.05  ? 562 SER A CB  1 
ATOM   657 O OG  . SER A 1 83  ? 32.390  12.168  31.284  1.00 60.05  ? 562 SER A OG  1 
ATOM   658 N N   . GLU A 1 84  ? 33.785  14.516  28.798  1.00 59.23  ? 563 GLU A N   1 
ATOM   659 C CA  . GLU A 1 84  ? 35.148  14.589  28.289  1.00 59.23  ? 563 GLU A CA  1 
ATOM   660 C C   . GLU A 1 84  ? 35.812  15.837  28.819  1.00 59.23  ? 563 GLU A C   1 
ATOM   661 O O   . GLU A 1 84  ? 37.004  15.823  29.116  1.00 59.23  ? 563 GLU A O   1 
ATOM   662 C CB  . GLU A 1 84  ? 35.171  14.629  26.783  1.00 52.90  ? 563 GLU A CB  1 
ATOM   663 C CG  . GLU A 1 84  ? 34.723  13.356  26.192  1.00 52.90  ? 563 GLU A CG  1 
ATOM   664 C CD  . GLU A 1 84  ? 35.298  13.138  24.829  1.00 52.90  ? 563 GLU A CD  1 
ATOM   665 O OE1 . GLU A 1 84  ? 36.543  13.163  24.699  1.00 52.90  ? 563 GLU A OE1 1 
ATOM   666 O OE2 . GLU A 1 84  ? 34.502  12.930  23.892  1.00 52.90  ? 563 GLU A OE2 1 
ATOM   667 N N   . ALA A 1 85  ? 35.043  16.919  28.935  1.00 50.25  ? 564 ALA A N   1 
ATOM   668 C CA  . ALA A 1 85  ? 35.581  18.166  29.479  1.00 50.25  ? 564 ALA A CA  1 
ATOM   669 C C   . ALA A 1 85  ? 36.151  17.912  30.875  1.00 50.25  ? 564 ALA A C   1 
ATOM   670 O O   . ALA A 1 85  ? 37.322  18.209  31.152  1.00 50.25  ? 564 ALA A O   1 
ATOM   671 C CB  . ALA A 1 85  ? 34.498  19.214  29.558  1.00 46.27  ? 564 ALA A CB  1 
ATOM   672 N N   . ASN A 1 86  ? 35.323  17.351  31.756  1.00 43.78  ? 565 ASN A N   1 
ATOM   673 C CA  . ASN A 1 86  ? 35.775  17.067  33.108  1.00 43.78  ? 565 ASN A CA  1 
ATOM   674 C C   . ASN A 1 86  ? 37.051  16.243  33.116  1.00 43.78  ? 565 ASN A C   1 
ATOM   675 O O   . ASN A 1 86  ? 38.006  16.581  33.834  1.00 43.78  ? 565 ASN A O   1 
ATOM   676 C CB  . ASN A 1 86  ? 34.676  16.376  33.896  1.00 76.82  ? 565 ASN A CB  1 
ATOM   677 C CG  . ASN A 1 86  ? 33.442  17.237  34.014  1.00 76.82  ? 565 ASN A CG  1 
ATOM   678 O OD1 . ASN A 1 86  ? 33.492  18.451  33.800  1.00 76.82  ? 565 ASN A OD1 1 
ATOM   679 N ND2 . ASN A 1 86  ? 32.326  16.622  34.361  1.00 76.82  ? 565 ASN A ND2 1 
ATOM   680 N N   . TRP A 1 87  ? 37.098  15.180  32.315  1.00 53.20  ? 566 TRP A N   1 
ATOM   681 C CA  . TRP A 1 87  ? 38.308  14.367  32.288  1.00 53.20  ? 566 TRP A CA  1 
ATOM   682 C C   . TRP A 1 87  ? 39.546  15.226  32.073  1.00 53.20  ? 566 TRP A C   1 
ATOM   683 O O   . TRP A 1 87  ? 40.527  15.110  32.815  1.00 53.20  ? 566 TRP A O   1 
ATOM   684 C CB  . TRP A 1 87  ? 38.228  13.316  31.195  1.00 59.33  ? 566 TRP A CB  1 
ATOM   685 C CG  . TRP A 1 87  ? 37.525  12.085  31.623  1.00 59.33  ? 566 TRP A CG  1 
ATOM   686 C CD1 . TRP A 1 87  ? 36.333  11.619  31.154  1.00 59.33  ? 566 TRP A CD1 1 
ATOM   687 C CD2 . TRP A 1 87  ? 37.983  11.126  32.590  1.00 59.33  ? 566 TRP A CD2 1 
ATOM   688 N NE1 . TRP A 1 87  ? 36.019  10.424  31.764  1.00 59.33  ? 566 TRP A NE1 1 
ATOM   689 C CE2 . TRP A 1 87  ? 37.014  10.099  32.647  1.00 59.33  ? 566 TRP A CE2 1 
ATOM   690 C CE3 . TRP A 1 87  ? 39.111  11.034  33.408  1.00 59.33  ? 566 TRP A CE3 1 
ATOM   691 C CZ2 . TRP A 1 87  ? 37.144  8.990   33.493  1.00 59.33  ? 566 TRP A CZ2 1 
ATOM   692 C CZ3 . TRP A 1 87  ? 39.238  9.930   34.247  1.00 59.33  ? 566 TRP A CZ3 1 
ATOM   693 C CH2 . TRP A 1 87  ? 38.259  8.923   34.280  1.00 59.33  ? 566 TRP A CH2 1 
ATOM   694 N N   . ALA A 1 88  ? 39.493  16.091  31.061  1.00 58.27  ? 567 ALA A N   1 
ATOM   695 C CA  . ALA A 1 88  ? 40.611  16.977  30.755  1.00 58.27  ? 567 ALA A CA  1 
ATOM   696 C C   . ALA A 1 88  ? 40.987  17.786  31.990  1.00 58.27  ? 567 ALA A C   1 
ATOM   697 O O   . ALA A 1 88  ? 42.148  17.785  32.408  1.00 58.27  ? 567 ALA A O   1 
ATOM   698 C CB  . ALA A 1 88  ? 40.246  17.906  29.615  1.00 62.21  ? 567 ALA A CB  1 
ATOM   699 N N   . ALA A 1 89  ? 40.006  18.467  32.579  1.00 46.10  ? 568 ALA A N   1 
ATOM   700 C CA  . ALA A 1 89  ? 40.255  19.261  33.780  1.00 46.10  ? 568 ALA A CA  1 
ATOM   701 C C   . ALA A 1 89  ? 40.813  18.366  34.892  1.00 46.10  ? 568 ALA A C   1 
ATOM   702 O O   . ALA A 1 89  ? 41.796  18.728  35.545  1.00 46.10  ? 568 ALA A O   1 
ATOM   703 C CB  . ALA A 1 89  ? 38.979  19.925  34.242  1.00 31.60  ? 568 ALA A CB  1 
ATOM   704 N N   . GLU A 1 90  ? 40.182  17.204  35.100  1.00 40.12  ? 569 GLU A N   1 
ATOM   705 C CA  . GLU A 1 90  ? 40.630  16.248  36.107  1.00 40.12  ? 569 GLU A CA  1 
ATOM   706 C C   . GLU A 1 90  ? 42.089  15.895  35.829  1.00 40.12  ? 569 GLU A C   1 
ATOM   707 O O   . GLU A 1 90  ? 42.953  15.927  36.731  1.00 40.12  ? 569 GLU A O   1 
ATOM   708 C CB  . GLU A 1 90  ? 39.783  14.985  36.039  1.00 61.58  ? 569 GLU A CB  1 
ATOM   709 C CG  . GLU A 1 90  ? 38.379  15.161  36.571  1.00 61.58  ? 569 GLU A CG  1 
ATOM   710 C CD  . GLU A 1 90  ? 38.388  15.390  38.050  1.00 61.58  ? 569 GLU A CD  1 
ATOM   711 O OE1 . GLU A 1 90  ? 39.456  15.149  38.645  1.00 61.58  ? 569 GLU A OE1 1 
ATOM   712 O OE2 . GLU A 1 90  ? 37.352  15.797  38.618  1.00 61.58  ? 569 GLU A OE2 1 
ATOM   713 N N   . PHE A 1 91  ? 42.374  15.568  34.572  1.00 61.32  ? 570 PHE A N   1 
ATOM   714 C CA  . PHE A 1 91  ? 43.732  15.216  34.175  1.00 61.32  ? 570 PHE A CA  1 
ATOM   715 C C   . PHE A 1 91  ? 44.684  16.391  34.432  1.00 61.32  ? 570 PHE A C   1 
ATOM   716 O O   . PHE A 1 91  ? 45.846  16.213  34.854  1.00 61.32  ? 570 PHE A O   1 
ATOM   717 C CB  . PHE A 1 91  ? 43.754  14.838  32.696  1.00 53.12  ? 570 PHE A CB  1 
ATOM   718 C CG  . PHE A 1 91  ? 45.072  14.306  32.231  1.00 53.12  ? 570 PHE A CG  1 
ATOM   719 C CD1 . PHE A 1 91  ? 46.106  15.170  31.909  1.00 53.12  ? 570 PHE A CD1 1 
ATOM   720 C CD2 . PHE A 1 91  ? 45.285  12.938  32.124  1.00 53.12  ? 570 PHE A CD2 1 
ATOM   721 C CE1 . PHE A 1 91  ? 47.343  14.686  31.486  1.00 53.12  ? 570 PHE A CE1 1 
ATOM   722 C CE2 . PHE A 1 91  ? 46.515  12.438  31.703  1.00 53.12  ? 570 PHE A CE2 1 
ATOM   723 C CZ  . PHE A 1 91  ? 47.548  13.318  31.382  1.00 53.12  ? 570 PHE A CZ  1 
ATOM   724 N N   . ALA A 1 92  ? 44.181  17.596  34.184  1.00 53.04  ? 571 ALA A N   1 
ATOM   725 C CA  . ALA A 1 92  ? 44.989  18.784  34.374  1.00 53.04  ? 571 ALA A CA  1 
ATOM   726 C C   . ALA A 1 92  ? 45.515  18.866  35.795  1.00 53.04  ? 571 ALA A C   1 
ATOM   727 O O   . ALA A 1 92  ? 46.704  19.086  35.991  1.00 53.04  ? 571 ALA A O   1 
ATOM   728 C CB  . ALA A 1 92  ? 44.182  20.021  34.038  1.00 52.60  ? 571 ALA A CB  1 
ATOM   729 N N   . GLU A 1 93  ? 44.636  18.674  36.780  1.00 40.48  ? 572 GLU A N   1 
ATOM   730 C CA  . GLU A 1 93  ? 45.028  18.748  38.181  1.00 40.48  ? 572 GLU A CA  1 
ATOM   731 C C   . GLU A 1 93  ? 46.112  17.744  38.539  1.00 40.48  ? 572 GLU A C   1 
ATOM   732 O O   . GLU A 1 93  ? 47.091  18.087  39.235  1.00 40.48  ? 572 GLU A O   1 
ATOM   733 C CB  . GLU A 1 93  ? 43.816  18.545  39.087  1.00 113.13 ? 572 GLU A CB  1 
ATOM   734 C CG  . GLU A 1 93  ? 43.194  19.847  39.508  1.00 113.13 ? 572 GLU A CG  1 
ATOM   735 C CD  . GLU A 1 93  ? 44.243  20.836  39.967  1.00 113.13 ? 572 GLU A CD  1 
ATOM   736 O OE1 . GLU A 1 93  ? 44.950  20.555  40.964  1.00 113.13 ? 572 GLU A OE1 1 
ATOM   737 O OE2 . GLU A 1 93  ? 44.372  21.892  39.314  1.00 113.13 ? 572 GLU A OE2 1 
ATOM   738 N N   . LEU A 1 94  ? 45.942  16.506  38.061  1.00 49.60  ? 573 LEU A N   1 
ATOM   739 C CA  . LEU A 1 94  ? 46.913  15.448  38.340  1.00 49.60  ? 573 LEU A CA  1 
ATOM   740 C C   . LEU A 1 94  ? 48.246  15.868  37.735  1.00 49.60  ? 573 LEU A C   1 
ATOM   741 O O   . LEU A 1 94  ? 49.295  15.747  38.376  1.00 49.60  ? 573 LEU A O   1 
ATOM   742 C CB  . LEU A 1 94  ? 46.450  14.123  37.728  1.00 62.51  ? 573 LEU A CB  1 
ATOM   743 C CG  . LEU A 1 94  ? 46.445  12.896  38.641  1.00 62.51  ? 573 LEU A CG  1 
ATOM   744 C CD1 . LEU A 1 94  ? 47.834  12.633  39.132  1.00 62.51  ? 573 LEU A CD1 1 
ATOM   745 C CD2 . LEU A 1 94  ? 45.524  13.124  39.826  1.00 62.51  ? 573 LEU A CD2 1 
ATOM   746 N N   . GLU A 1 95  ? 48.199  16.381  36.502  1.00 50.69  ? 574 GLU A N   1 
ATOM   747 C CA  . GLU A 1 95  ? 49.409  16.820  35.819  1.00 50.69  ? 574 GLU A CA  1 
ATOM   748 C C   . GLU A 1 95  ? 50.125  17.876  36.644  1.00 50.69  ? 574 GLU A C   1 
ATOM   749 O O   . GLU A 1 95  ? 51.323  17.753  36.888  1.00 50.69  ? 574 GLU A O   1 
ATOM   750 C CB  . GLU A 1 95  ? 49.079  17.368  34.431  1.00 67.99  ? 574 GLU A CB  1 
ATOM   751 C CG  . GLU A 1 95  ? 50.280  17.954  33.697  1.00 67.99  ? 574 GLU A CG  1 
ATOM   752 C CD  . GLU A 1 95  ? 49.965  18.278  32.251  1.00 67.99  ? 574 GLU A CD  1 
ATOM   753 O OE1 . GLU A 1 95  ? 48.778  18.512  31.937  1.00 67.99  ? 574 GLU A OE1 1 
ATOM   754 O OE2 . GLU A 1 95  ? 50.904  18.308  31.427  1.00 67.99  ? 574 GLU A OE2 1 
ATOM   755 N N   . LYS A 1 96  ? 49.393  18.902  37.083  1.00 57.08  ? 575 LYS A N   1 
ATOM   756 C CA  . LYS A 1 96  ? 49.958  19.965  37.906  1.00 57.08  ? 575 LYS A CA  1 
ATOM   757 C C   . LYS A 1 96  ? 50.693  19.352  39.106  1.00 57.08  ? 575 LYS A C   1 
ATOM   758 O O   . LYS A 1 96  ? 51.820  19.728  39.394  1.00 57.08  ? 575 LYS A O   1 
ATOM   759 C CB  . LYS A 1 96  ? 48.848  20.890  38.393  1.00 91.01  ? 575 LYS A CB  1 
ATOM   760 C CG  . LYS A 1 96  ? 49.328  22.062  39.213  1.00 91.01  ? 575 LYS A CG  1 
ATOM   761 C CD  . LYS A 1 96  ? 48.142  22.772  39.829  1.00 91.01  ? 575 LYS A CD  1 
ATOM   762 C CE  . LYS A 1 96  ? 48.557  24.003  40.614  1.00 91.01  ? 575 LYS A CE  1 
ATOM   763 N NZ  . LYS A 1 96  ? 47.413  24.580  41.393  1.00 91.01  ? 575 LYS A NZ  1 
ATOM   764 N N   . GLU A 1 97  ? 50.060  18.406  39.802  1.00 64.64  ? 576 GLU A N   1 
ATOM   765 C CA  . GLU A 1 97  ? 50.692  17.740  40.946  1.00 64.64  ? 576 GLU A CA  1 
ATOM   766 C C   . GLU A 1 97  ? 51.951  16.975  40.531  1.00 64.64  ? 576 GLU A C   1 
ATOM   767 O O   . GLU A 1 97  ? 53.010  17.148  41.141  1.00 64.64  ? 576 GLU A O   1 
ATOM   768 C CB  . GLU A 1 97  ? 49.725  16.754  41.604  1.00 75.88  ? 576 GLU A CB  1 
ATOM   769 C CG  . GLU A 1 97  ? 48.610  17.389  42.404  1.00 75.88  ? 576 GLU A CG  1 
ATOM   770 C CD  . GLU A 1 97  ? 47.638  16.367  42.940  1.00 75.88  ? 576 GLU A CD  1 
ATOM   771 O OE1 . GLU A 1 97  ? 48.102  15.337  43.467  1.00 75.88  ? 576 GLU A OE1 1 
ATOM   772 O OE2 . GLU A 1 97  ? 46.415  16.596  42.839  1.00 75.88  ? 576 GLU A OE2 1 
ATOM   773 N N   . ARG A 1 98  ? 51.819  16.121  39.510  1.00 64.78  ? 577 ARG A N   1 
ATOM   774 C CA  . ARG A 1 98  ? 52.931  15.324  38.992  1.00 64.78  ? 577 ARG A CA  1 
ATOM   775 C C   . ARG A 1 98  ? 54.119  16.236  38.669  1.00 64.78  ? 577 ARG A C   1 
ATOM   776 O O   . ARG A 1 98  ? 55.266  15.914  38.991  1.00 64.78  ? 577 ARG A O   1 
ATOM   777 C CB  . ARG A 1 98  ? 52.489  14.575  37.732  1.00 83.54  ? 577 ARG A CB  1 
ATOM   778 C CG  . ARG A 1 98  ? 53.458  13.499  37.236  1.00 83.54  ? 577 ARG A CG  1 
ATOM   779 C CD  . ARG A 1 98  ? 54.666  14.072  36.504  1.00 83.54  ? 577 ARG A CD  1 
ATOM   780 N NE  . ARG A 1 98  ? 54.307  14.805  35.285  1.00 83.54  ? 577 ARG A NE  1 
ATOM   781 C CZ  . ARG A 1 98  ? 53.866  14.251  34.154  1.00 83.54  ? 577 ARG A CZ  1 
ATOM   782 N NH1 . ARG A 1 98  ? 53.717  12.936  34.057  1.00 83.54  ? 577 ARG A NH1 1 
ATOM   783 N NH2 . ARG A 1 98  ? 53.573  15.017  33.109  1.00 83.54  ? 577 ARG A NH2 1 
ATOM   784 N N   . ASP A 1 99  ? 53.851  17.376  38.035  1.00 77.48  ? 578 ASP A N   1 
ATOM   785 C CA  . ASP A 1 99  ? 54.915  18.313  37.696  1.00 77.48  ? 578 ASP A CA  1 
ATOM   786 C C   . ASP A 1 99  ? 55.554  18.882  38.944  1.00 77.48  ? 578 ASP A C   1 
ATOM   787 O O   . ASP A 1 99  ? 56.761  19.085  38.970  1.00 77.48  ? 578 ASP A O   1 
ATOM   788 C CB  . ASP A 1 99  ? 54.388  19.454  36.836  1.00 71.50  ? 578 ASP A CB  1 
ATOM   789 C CG  . ASP A 1 99  ? 53.876  18.981  35.492  1.00 71.50  ? 578 ASP A CG  1 
ATOM   790 O OD1 . ASP A 1 99  ? 54.368  17.940  34.999  1.00 71.50  ? 578 ASP A OD1 1 
ATOM   791 O OD2 . ASP A 1 99  ? 52.989  19.657  34.922  1.00 71.50  ? 578 ASP A OD2 1 
ATOM   792 N N   . SER A 1 100 ? 54.744  19.147  39.973  1.00 56.15  ? 579 SER A N   1 
ATOM   793 C CA  . SER A 1 100 ? 55.236  19.671  41.253  1.00 56.15  ? 579 SER A CA  1 
ATOM   794 C C   . SER A 1 100 ? 56.202  18.704  41.909  1.00 56.15  ? 579 SER A C   1 
ATOM   795 O O   . SER A 1 100 ? 57.215  19.112  42.457  1.00 56.15  ? 579 SER A O   1 
ATOM   796 C CB  . SER A 1 100 ? 54.089  19.901  42.222  1.00 66.41  ? 579 SER A CB  1 
ATOM   797 O OG  . SER A 1 100 ? 53.253  20.916  41.731  1.00 66.41  ? 579 SER A OG  1 
ATOM   798 N N   . LEU A 1 101 ? 55.874  17.419  41.866  1.00 71.89  ? 580 LEU A N   1 
ATOM   799 C CA  . LEU A 1 101 ? 56.732  16.418  42.462  1.00 71.89  ? 580 LEU A CA  1 
ATOM   800 C C   . LEU A 1 101 ? 58.009  16.148  41.660  1.00 71.89  ? 580 LEU A C   1 
ATOM   801 O O   . LEU A 1 101 ? 59.028  15.756  42.229  1.00 71.89  ? 580 LEU A O   1 
ATOM   802 C CB  . LEU A 1 101 ? 55.959  15.113  42.667  1.00 68.73  ? 580 LEU A CB  1 
ATOM   803 C CG  . LEU A 1 101 ? 54.929  15.016  43.797  1.00 68.73  ? 580 LEU A CG  1 
ATOM   804 C CD1 . LEU A 1 101 ? 55.513  15.586  45.070  1.00 68.73  ? 580 LEU A CD1 1 
ATOM   805 C CD2 . LEU A 1 101 ? 53.681  15.766  43.424  1.00 68.73  ? 580 LEU A CD2 1 
ATOM   806 N N   . VAL A 1 102 ? 57.977  16.344  40.348  1.00 74.62  ? 581 VAL A N   1 
ATOM   807 C CA  . VAL A 1 102 ? 59.179  16.085  39.558  1.00 74.62  ? 581 VAL A CA  1 
ATOM   808 C C   . VAL A 1 102 ? 59.949  17.384  39.304  1.00 74.62  ? 581 VAL A C   1 
ATOM   809 O O   . VAL A 1 102 ? 59.488  18.456  39.764  1.00 74.62  ? 581 VAL A O   1 
ATOM   810 C CB  . VAL A 1 102 ? 58.833  15.392  38.203  1.00 72.76  ? 581 VAL A CB  1 
ATOM   811 C CG1 . VAL A 1 102 ? 60.090  15.031  37.461  1.00 72.76  ? 581 VAL A CG1 1 
ATOM   812 C CG2 . VAL A 1 102 ? 58.046  14.123  38.454  1.00 72.76  ? 581 VAL A CG2 1 
HETATM 813 O O   . HOH B 2 .   ? -38.709 -19.214 -53.421 1.00 63.64  ? 587 HOH A O   1 
HETATM 814 O O   . HOH B 2 .   ? -26.671 -15.897 -31.198 1.00 75.93  ? 588 HOH A O   1 
HETATM 815 O O   . HOH B 2 .   ? -21.312 -19.777 -28.091 1.00 64.95  ? 589 HOH A O   1 
HETATM 816 O O   . HOH B 2 .   ? -3.737  7.579   7.350   1.00 69.99  ? 590 HOH A O   1 
HETATM 817 O O   . HOH B 2 .   ? 44.892  14.665  44.438  1.00 72.92  ? 591 HOH A O   1 
HETATM 818 O O   . HOH B 2 .   ? 61.133  19.689  41.189  1.00 76.17  ? 592 HOH A O   1 
HETATM 819 O O   . HOH B 2 .   ? -41.559 -17.892 -54.465 1.00 66.18  ? 593 HOH A O   1 
HETATM 820 O O   . HOH B 2 .   ? 14.553  3.566   15.038  1.00 68.42  ? 594 HOH A O   1 
HETATM 821 O O   . HOH B 2 .   ? 5.945   12.090  12.043  1.00 68.39  ? 595 HOH A O   1 
HETATM 822 O O   . HOH B 2 .   ? 34.526  15.236  37.775  1.00 62.71  ? 596 HOH A O   1 
HETATM 823 O O   . HOH B 2 .   ? -20.750 -13.327 -25.383 1.00 67.00  ? 597 HOH A O   1 
HETATM 824 O O   . HOH B 2 .   ? -17.001 -10.224 -21.283 1.00 74.97  ? 598 HOH A O   1 
HETATM 825 O O   . HOH B 2 .   ? -1.376  -0.219  -1.086  1.00 85.87  ? 599 HOH A O   1 
HETATM 826 O O   . HOH B 2 .   ? -28.951 -5.967  -14.085 1.00 68.95  ? 600 HOH A O   1 
# 
